data_8EBG
#
_entry.id   8EBG
#
_cell.length_a   56.631
_cell.length_b   76.517
_cell.length_c   79.076
_cell.angle_alpha   90.000
_cell.angle_beta   102.500
_cell.angle_gamma   90.000
#
_symmetry.space_group_name_H-M   'P 1 21 1'
#
loop_
_entity.id
_entity.type
_entity.pdbx_description
1 polymer 'FEIII-dicitrate-binding periplasmic lipoprotein FecB'
2 non-polymer 'FORMIC ACID'
3 non-polymer GLYCEROL
4 non-polymer 'ACETIC ACID'
5 water water
#
_entity_poly.entity_id   1
_entity_poly.type   'polypeptide(L)'
_entity_poly.pdbx_seq_one_letter_code
;QPAHKASQS(MSE)ITPTTQIAGAGVLGNDRKPDESCARAAAAADPGPPTRPAHNAAGVSPE(MSE)VQVPAEAQRIVVL
SGDQLDALCALGLQSRIVAAALPNSSSSQPSYLGTTVHDLPGVGTRSAPDLRAIAAAHPDLILGSQGLTPQLYPQLAAIA
PTVFTAAPGADWENNLRGVGAATARIAAVDALITGFAEHATQVGTKHDATHFQASIVQLTANT(MSE)RVYGANNFPASV
LSAVGVDRPPSQRFTDKAYIEIGTTAADLAKSPDFSAADADIVYLSCASEAAAERAAVILDSDPWRKLSANRDNRVFVVN
DQVWQTGEG(MSE)VAARGIVDDLRWVDAPIN
;
_entity_poly.pdbx_strand_id   A,B
#
loop_
_chem_comp.id
_chem_comp.type
_chem_comp.name
_chem_comp.formula
ACY non-polymer 'ACETIC ACID' 'C2 H4 O2'
FMT non-polymer 'FORMIC ACID' 'C H2 O2'
GOL non-polymer GLYCEROL 'C3 H8 O3'
#
# COMPACT_ATOMS: atom_id res chain seq x y z
N THR A 15 -30.79 -0.75 -14.61
CA THR A 15 -30.36 -2.04 -14.07
C THR A 15 -30.03 -1.96 -12.59
N GLN A 16 -29.99 -3.12 -11.95
CA GLN A 16 -29.68 -3.18 -10.53
C GLN A 16 -29.08 -4.54 -10.23
N ILE A 17 -28.41 -4.62 -9.08
CA ILE A 17 -27.95 -5.88 -8.49
C ILE A 17 -28.50 -5.85 -7.07
N ALA A 18 -29.42 -6.77 -6.77
CA ALA A 18 -29.97 -6.89 -5.41
C ALA A 18 -30.42 -5.55 -4.83
N GLY A 19 -31.17 -4.78 -5.62
CA GLY A 19 -31.69 -3.51 -5.16
C GLY A 19 -30.72 -2.35 -5.25
N ALA A 20 -29.43 -2.58 -5.49
CA ALA A 20 -28.48 -1.51 -5.71
C ALA A 20 -28.54 -1.06 -7.16
N GLY A 21 -28.76 0.22 -7.39
CA GLY A 21 -28.87 0.70 -8.76
C GLY A 21 -27.51 0.87 -9.42
N VAL A 22 -27.47 0.66 -10.72
CA VAL A 22 -26.23 0.75 -11.48
C VAL A 22 -26.07 2.16 -12.04
N LEU A 23 -24.90 2.76 -11.82
CA LEU A 23 -24.59 4.07 -12.39
C LEU A 23 -23.64 3.88 -13.56
N GLY A 24 -23.80 4.72 -14.58
CA GLY A 24 -22.87 4.75 -15.69
C GLY A 24 -23.35 4.05 -16.94
N ASN A 25 -24.59 3.54 -16.96
CA ASN A 25 -25.06 2.81 -18.13
C ASN A 25 -25.29 3.71 -19.33
N ASP A 26 -25.44 5.01 -19.12
CA ASP A 26 -25.61 5.93 -20.24
C ASP A 26 -24.29 6.52 -20.73
N ARG A 27 -23.17 6.16 -20.10
CA ARG A 27 -21.89 6.63 -20.56
C ARG A 27 -21.58 6.04 -21.92
N LYS A 28 -20.99 6.83 -22.80
CA LYS A 28 -20.65 6.35 -24.14
C LYS A 28 -19.14 6.20 -24.25
N PRO A 29 -18.61 4.96 -24.22
CA PRO A 29 -17.14 4.82 -24.20
C PRO A 29 -16.47 5.42 -25.41
N ASP A 30 -17.14 5.41 -26.57
CA ASP A 30 -16.55 5.93 -27.79
C ASP A 30 -16.52 7.45 -27.85
N GLU A 31 -16.98 8.12 -26.79
CA GLU A 31 -16.81 9.55 -26.67
C GLU A 31 -15.72 9.91 -25.67
N SER A 32 -14.96 8.92 -25.23
CA SER A 32 -13.89 9.17 -24.26
C SER A 32 -12.76 9.97 -24.88
N CYS A 33 -12.38 9.64 -26.12
CA CYS A 33 -11.20 10.24 -26.75
C CYS A 33 -11.52 11.64 -27.26
N ALA A 34 -10.55 12.54 -27.10
CA ALA A 34 -10.67 13.84 -27.75
C ALA A 34 -10.87 13.65 -29.25
N ARG A 35 -11.67 14.54 -29.86
CA ARG A 35 -12.05 14.38 -31.26
C ARG A 35 -10.87 14.49 -32.23
N ALA A 36 -9.83 15.24 -31.86
CA ALA A 36 -8.62 15.33 -32.67
C ALA A 36 -7.43 15.36 -31.74
N ALA A 37 -6.24 15.09 -32.29
CA ALA A 37 -5.01 15.14 -31.48
C ALA A 37 -4.75 16.57 -30.99
N ALA A 38 -4.51 16.67 -29.68
CA ALA A 38 -4.14 17.95 -29.10
C ALA A 38 -2.85 18.46 -29.75
N ALA A 39 -2.79 19.77 -29.94
CA ALA A 39 -1.60 20.36 -30.56
C ALA A 39 -0.40 20.26 -29.65
N ALA A 40 0.74 19.87 -30.24
CA ALA A 40 1.99 19.90 -29.50
C ALA A 40 2.37 21.34 -29.12
N ASP A 41 3.13 21.46 -28.04
CA ASP A 41 3.76 22.74 -27.76
C ASP A 41 4.61 23.13 -28.95
N PRO A 42 4.65 24.41 -29.33
CA PRO A 42 5.54 24.83 -30.42
C PRO A 42 7.00 24.50 -30.11
N GLY A 43 7.74 24.12 -31.15
CA GLY A 43 9.12 23.73 -30.95
C GLY A 43 9.63 22.83 -32.05
N PRO A 44 10.82 22.28 -31.81
CA PRO A 44 11.52 21.48 -32.83
C PRO A 44 11.08 20.03 -32.80
N PRO A 45 11.62 19.18 -33.68
CA PRO A 45 11.08 17.82 -33.82
C PRO A 45 11.35 16.89 -32.65
N THR A 46 12.21 17.24 -31.72
CA THR A 46 12.39 16.44 -30.52
C THR A 46 12.32 17.35 -29.30
N ARG A 47 12.07 16.74 -28.13
CA ARG A 47 11.90 17.48 -26.88
C ARG A 47 12.54 16.73 -25.72
N PRO A 48 12.99 17.44 -24.69
CA PRO A 48 13.43 16.77 -23.45
C PRO A 48 12.24 16.45 -22.55
N ALA A 49 12.14 15.20 -22.13
CA ALA A 49 11.12 14.79 -21.18
C ALA A 49 11.79 14.20 -19.95
N HIS A 50 11.09 14.20 -18.83
N HIS A 50 11.11 14.27 -18.80
CA HIS A 50 11.67 13.79 -17.56
CA HIS A 50 11.65 13.81 -17.53
C HIS A 50 11.06 12.47 -17.10
C HIS A 50 11.07 12.44 -17.18
N ASN A 51 11.91 11.58 -16.60
CA ASN A 51 11.46 10.34 -15.99
C ASN A 51 11.05 10.56 -14.54
N ALA A 52 10.27 9.61 -14.03
CA ALA A 52 9.86 9.54 -12.63
C ALA A 52 11.08 9.42 -11.71
N ALA A 53 10.84 9.70 -10.43
CA ALA A 53 11.87 9.56 -9.41
C ALA A 53 12.45 8.15 -9.42
N GLY A 54 13.77 8.06 -9.30
CA GLY A 54 14.45 6.77 -9.23
C GLY A 54 14.90 6.23 -10.55
N VAL A 55 14.49 6.83 -11.66
CA VAL A 55 14.83 6.32 -12.98
C VAL A 55 16.05 7.06 -13.49
N SER A 56 17.02 6.31 -14.00
N SER A 56 17.02 6.31 -14.01
CA SER A 56 18.18 6.90 -14.63
CA SER A 56 18.18 6.90 -14.63
C SER A 56 18.21 6.48 -16.10
C SER A 56 18.24 6.47 -16.09
N PRO A 57 18.54 7.40 -17.01
CA PRO A 57 18.77 8.82 -16.80
C PRO A 57 17.50 9.61 -16.51
N GLU A 58 17.66 10.80 -15.96
N GLU A 58 17.66 10.79 -15.94
CA GLU A 58 16.53 11.65 -15.60
CA GLU A 58 16.52 11.64 -15.63
C GLU A 58 15.86 12.22 -16.84
C GLU A 58 15.85 12.17 -16.90
N MSE A 59 16.63 12.53 -17.88
N MSE A 59 16.64 12.56 -17.89
CA MSE A 59 16.07 13.20 -19.06
CA MSE A 59 16.08 13.21 -19.08
C MSE A 59 16.10 12.30 -20.29
C MSE A 59 16.12 12.31 -20.31
O MSE A 59 17.05 11.52 -20.48
O MSE A 59 17.09 11.60 -20.55
CB MSE A 59 16.83 14.51 -19.33
CB MSE A 59 16.82 14.53 -19.35
CG MSE A 59 16.06 15.59 -20.08
CG MSE A 59 16.85 15.47 -18.16
SE MSE A 59 14.53 16.37 -19.08
SE MSE A 59 15.07 16.12 -17.61
CE MSE A 59 15.18 16.24 -17.23
CE MSE A 59 14.74 17.37 -19.09
N VAL A 60 15.06 12.39 -21.11
CA VAL A 60 14.87 11.54 -22.28
C VAL A 60 14.49 12.44 -23.46
N GLN A 61 15.17 12.27 -24.59
CA GLN A 61 14.78 12.96 -25.81
C GLN A 61 13.68 12.18 -26.50
N VAL A 62 12.53 12.83 -26.73
CA VAL A 62 11.36 12.17 -27.32
C VAL A 62 10.98 12.87 -28.61
N PRO A 63 10.27 12.18 -29.53
CA PRO A 63 9.77 12.87 -30.71
C PRO A 63 8.68 13.85 -30.31
N ALA A 64 8.59 14.95 -31.05
CA ALA A 64 7.42 15.83 -30.88
C ALA A 64 6.13 15.15 -31.31
N GLU A 65 6.19 14.28 -32.33
CA GLU A 65 5.01 13.64 -32.92
C GLU A 65 5.29 12.14 -33.06
N ALA A 66 5.26 11.43 -31.94
CA ALA A 66 5.48 9.99 -31.97
C ALA A 66 4.31 9.32 -32.70
N GLN A 67 4.62 8.39 -33.61
CA GLN A 67 3.58 7.77 -34.43
C GLN A 67 3.38 6.28 -34.18
N ARG A 68 4.22 5.67 -33.32
CA ARG A 68 4.09 4.25 -32.98
C ARG A 68 4.41 4.12 -31.50
N ILE A 69 3.41 4.35 -30.66
CA ILE A 69 3.63 4.41 -29.21
C ILE A 69 3.29 3.03 -28.64
N VAL A 70 4.21 2.46 -27.88
CA VAL A 70 3.93 1.28 -27.06
C VAL A 70 3.61 1.79 -25.66
N VAL A 71 2.47 1.37 -25.10
CA VAL A 71 1.97 1.87 -23.82
C VAL A 71 1.86 0.72 -22.81
N LEU A 72 2.56 0.84 -21.69
CA LEU A 72 2.63 -0.28 -20.76
C LEU A 72 1.81 -0.10 -19.48
N SER A 73 1.20 1.07 -19.27
CA SER A 73 0.39 1.30 -18.07
C SER A 73 -0.98 1.81 -18.49
N GLY A 74 -2.04 1.34 -17.82
CA GLY A 74 -3.39 1.75 -18.21
C GLY A 74 -3.65 3.24 -18.09
N ASP A 75 -3.05 3.90 -17.08
CA ASP A 75 -3.30 5.33 -16.92
C ASP A 75 -2.72 6.12 -18.09
N GLN A 76 -1.67 5.59 -18.71
CA GLN A 76 -1.09 6.23 -19.89
C GLN A 76 -1.97 6.03 -21.12
N LEU A 77 -2.63 4.86 -21.26
CA LEU A 77 -3.65 4.71 -22.31
C LEU A 77 -4.71 5.79 -22.17
N ASP A 78 -5.17 5.99 -20.93
CA ASP A 78 -6.18 7.01 -20.63
C ASP A 78 -5.69 8.39 -21.03
N ALA A 79 -4.45 8.73 -20.66
CA ALA A 79 -3.86 10.02 -21.02
C ALA A 79 -3.84 10.22 -22.52
N LEU A 80 -3.39 9.20 -23.26
CA LEU A 80 -3.30 9.35 -24.71
C LEU A 80 -4.67 9.58 -25.34
N CYS A 81 -5.70 8.88 -24.82
N CYS A 81 -5.71 8.91 -24.82
CA CYS A 81 -7.06 9.13 -25.27
CA CYS A 81 -7.04 9.16 -25.35
C CYS A 81 -7.50 10.56 -24.95
C CYS A 81 -7.59 10.52 -24.92
N ALA A 82 -7.23 11.01 -23.72
CA ALA A 82 -7.62 12.38 -23.35
C ALA A 82 -6.95 13.43 -24.24
N LEU A 83 -5.78 13.12 -24.77
CA LEU A 83 -5.05 13.96 -25.71
C LEU A 83 -5.38 13.66 -27.18
N GLY A 84 -6.27 12.72 -27.47
CA GLY A 84 -6.65 12.42 -28.84
C GLY A 84 -5.60 11.71 -29.67
N LEU A 85 -4.64 11.04 -29.03
CA LEU A 85 -3.50 10.40 -29.68
C LEU A 85 -3.69 8.90 -29.90
N GLN A 86 -4.91 8.39 -29.69
CA GLN A 86 -5.11 6.94 -29.68
C GLN A 86 -4.76 6.25 -31.02
N SER A 87 -4.89 6.94 -32.16
CA SER A 87 -4.52 6.30 -33.43
C SER A 87 -3.02 6.12 -33.61
N ARG A 88 -2.21 6.65 -32.70
CA ARG A 88 -0.75 6.55 -32.72
C ARG A 88 -0.25 5.40 -31.87
N ILE A 89 -1.14 4.69 -31.19
CA ILE A 89 -0.75 3.58 -30.31
C ILE A 89 -0.58 2.31 -31.14
N VAL A 90 0.61 1.72 -31.09
CA VAL A 90 0.87 0.52 -31.87
C VAL A 90 0.55 -0.75 -31.06
N ALA A 91 0.66 -0.69 -29.73
CA ALA A 91 0.34 -1.85 -28.89
C ALA A 91 0.26 -1.38 -27.46
N ALA A 92 -0.42 -2.17 -26.63
CA ALA A 92 -0.53 -1.84 -25.22
C ALA A 92 -0.43 -3.11 -24.40
N ALA A 93 0.31 -3.06 -23.29
CA ALA A 93 0.38 -4.22 -22.40
C ALA A 93 -1.00 -4.51 -21.83
N LEU A 94 -1.38 -5.78 -21.83
CA LEU A 94 -2.70 -6.19 -21.37
C LEU A 94 -2.79 -6.12 -19.84
N PRO A 95 -3.99 -5.89 -19.29
CA PRO A 95 -4.15 -5.98 -17.84
C PRO A 95 -3.73 -7.37 -17.39
N ASN A 96 -3.16 -7.44 -16.18
CA ASN A 96 -2.64 -8.72 -15.68
C ASN A 96 -3.67 -9.84 -15.67
N SER A 97 -4.92 -9.54 -15.35
CA SER A 97 -5.87 -10.61 -15.12
C SER A 97 -6.85 -10.81 -16.28
N SER A 98 -6.56 -10.23 -17.44
CA SER A 98 -7.53 -10.25 -18.53
C SER A 98 -6.85 -10.40 -19.89
N SER A 99 -7.47 -11.20 -20.75
CA SER A 99 -7.07 -11.24 -22.15
C SER A 99 -7.58 -10.04 -22.94
N SER A 100 -8.36 -9.15 -22.33
CA SER A 100 -8.96 -8.04 -23.06
C SER A 100 -8.35 -6.71 -22.62
N GLN A 101 -8.13 -5.84 -23.60
CA GLN A 101 -7.85 -4.46 -23.31
C GLN A 101 -9.04 -3.83 -22.60
N PRO A 102 -8.83 -2.69 -21.92
CA PRO A 102 -9.96 -1.97 -21.34
C PRO A 102 -10.98 -1.62 -22.40
N SER A 103 -12.23 -1.44 -21.97
N SER A 103 -12.23 -1.45 -21.96
CA SER A 103 -13.32 -1.07 -22.85
CA SER A 103 -13.34 -1.09 -22.83
C SER A 103 -13.85 0.33 -22.61
C SER A 103 -13.84 0.32 -22.61
N TYR A 104 -13.53 0.94 -21.46
CA TYR A 104 -14.16 2.22 -21.13
C TYR A 104 -13.66 3.36 -21.98
N LEU A 105 -12.52 3.18 -22.67
CA LEU A 105 -11.94 4.22 -23.50
C LEU A 105 -12.43 4.17 -24.95
N GLY A 106 -13.26 3.20 -25.29
CA GLY A 106 -13.78 3.08 -26.65
C GLY A 106 -13.10 2.00 -27.47
N THR A 107 -13.47 2.00 -28.76
CA THR A 107 -13.19 0.87 -29.65
C THR A 107 -11.72 0.78 -30.04
N THR A 108 -11.10 1.92 -30.42
CA THR A 108 -9.68 1.87 -30.80
C THR A 108 -8.83 1.24 -29.70
N VAL A 109 -9.02 1.66 -28.45
CA VAL A 109 -8.21 1.09 -27.38
C VAL A 109 -8.57 -0.37 -27.16
N HIS A 110 -9.87 -0.69 -27.20
N HIS A 110 -9.86 -0.69 -27.19
CA HIS A 110 -10.28 -2.05 -26.89
CA HIS A 110 -10.27 -2.06 -26.88
C HIS A 110 -9.73 -3.05 -27.89
C HIS A 110 -9.71 -3.05 -27.88
N ASP A 111 -9.47 -2.61 -29.11
CA ASP A 111 -8.98 -3.46 -30.18
C ASP A 111 -7.46 -3.48 -30.30
N LEU A 112 -6.74 -2.81 -29.40
CA LEU A 112 -5.28 -2.75 -29.51
C LEU A 112 -4.66 -4.13 -29.31
N PRO A 113 -3.61 -4.44 -30.05
CA PRO A 113 -2.86 -5.68 -29.79
C PRO A 113 -2.03 -5.54 -28.52
N GLY A 114 -1.72 -6.70 -27.93
CA GLY A 114 -0.92 -6.74 -26.72
C GLY A 114 0.57 -6.83 -27.00
N VAL A 115 1.35 -6.57 -25.95
CA VAL A 115 2.79 -6.86 -25.93
C VAL A 115 3.08 -7.48 -24.58
N GLY A 116 2.41 -8.57 -24.28
CA GLY A 116 2.48 -9.15 -22.95
C GLY A 116 1.58 -8.37 -22.01
N THR A 117 1.77 -8.60 -20.72
CA THR A 117 0.95 -7.98 -19.69
C THR A 117 1.68 -6.81 -19.03
N ARG A 118 0.93 -6.03 -18.27
CA ARG A 118 1.52 -4.89 -17.58
C ARG A 118 2.61 -5.31 -16.60
N SER A 119 2.43 -6.43 -15.90
N SER A 119 2.41 -6.43 -15.90
CA SER A 119 3.49 -6.84 -14.99
CA SER A 119 3.45 -6.90 -14.98
C SER A 119 4.61 -7.61 -15.69
C SER A 119 4.62 -7.55 -15.72
N ALA A 120 4.36 -8.14 -16.88
CA ALA A 120 5.39 -8.88 -17.63
C ALA A 120 5.33 -8.54 -19.12
N PRO A 121 5.74 -7.33 -19.48
CA PRO A 121 5.81 -6.98 -20.91
C PRO A 121 6.76 -7.90 -21.67
N ASP A 122 6.44 -8.11 -22.94
CA ASP A 122 7.21 -8.99 -23.83
C ASP A 122 8.14 -8.12 -24.66
N LEU A 123 9.45 -8.14 -24.33
CA LEU A 123 10.38 -7.23 -25.00
C LEU A 123 10.57 -7.59 -26.48
N ARG A 124 10.46 -8.87 -26.82
CA ARG A 124 10.55 -9.25 -28.23
C ARG A 124 9.40 -8.64 -29.02
N ALA A 125 8.18 -8.75 -28.48
CA ALA A 125 7.00 -8.18 -29.14
C ALA A 125 7.08 -6.67 -29.19
N ILE A 126 7.63 -6.03 -28.15
CA ILE A 126 7.83 -4.59 -28.18
C ILE A 126 8.77 -4.19 -29.31
N ALA A 127 9.93 -4.87 -29.41
CA ALA A 127 10.86 -4.55 -30.50
C ALA A 127 10.21 -4.79 -31.86
N ALA A 128 9.43 -5.87 -31.98
CA ALA A 128 8.79 -6.18 -33.27
C ALA A 128 7.71 -5.18 -33.66
N ALA A 129 7.23 -4.37 -32.71
CA ALA A 129 6.28 -3.31 -33.01
C ALA A 129 6.96 -2.05 -33.52
N HIS A 130 8.29 -1.99 -33.50
CA HIS A 130 9.05 -0.84 -33.98
C HIS A 130 8.57 0.49 -33.40
N PRO A 131 8.43 0.61 -32.08
CA PRO A 131 7.94 1.87 -31.53
C PRO A 131 8.92 3.01 -31.74
N ASP A 132 8.37 4.21 -31.81
CA ASP A 132 9.20 5.41 -31.69
C ASP A 132 9.10 6.05 -30.31
N LEU A 133 8.26 5.50 -29.44
CA LEU A 133 8.13 5.97 -28.07
C LEU A 133 7.56 4.82 -27.27
N ILE A 134 8.14 4.57 -26.10
CA ILE A 134 7.61 3.60 -25.14
C ILE A 134 7.26 4.36 -23.87
N LEU A 135 6.04 4.13 -23.35
CA LEU A 135 5.63 4.71 -22.08
C LEU A 135 5.41 3.56 -21.09
N GLY A 136 5.97 3.69 -19.88
CA GLY A 136 5.78 2.70 -18.85
C GLY A 136 5.79 3.30 -17.48
N SER A 137 5.75 2.44 -16.46
CA SER A 137 5.64 2.92 -15.09
C SER A 137 6.73 2.31 -14.23
N GLN A 138 7.47 3.18 -13.51
CA GLN A 138 8.43 2.73 -12.52
C GLN A 138 7.77 1.93 -11.40
N GLY A 139 6.47 2.13 -11.17
CA GLY A 139 5.78 1.32 -10.16
C GLY A 139 5.33 -0.05 -10.62
N LEU A 140 5.34 -0.32 -11.93
CA LEU A 140 4.90 -1.59 -12.46
C LEU A 140 6.04 -2.45 -12.96
N THR A 141 7.03 -1.84 -13.62
CA THR A 141 8.18 -2.57 -14.16
C THR A 141 9.47 -1.84 -13.80
N PRO A 142 9.77 -1.75 -12.51
CA PRO A 142 10.98 -1.04 -12.08
C PRO A 142 12.26 -1.68 -12.53
N GLN A 143 12.21 -2.88 -13.08
CA GLN A 143 13.41 -3.59 -13.52
C GLN A 143 13.62 -3.56 -15.03
N LEU A 144 12.72 -2.91 -15.79
CA LEU A 144 12.78 -2.98 -17.25
C LEU A 144 13.32 -1.74 -17.95
N TYR A 145 13.63 -0.65 -17.23
CA TYR A 145 13.93 0.60 -17.95
C TYR A 145 15.08 0.49 -18.96
N PRO A 146 16.27 -0.01 -18.60
CA PRO A 146 17.34 0.02 -19.60
C PRO A 146 17.01 -0.78 -20.84
N GLN A 147 16.35 -1.93 -20.69
CA GLN A 147 16.05 -2.74 -21.86
C GLN A 147 15.03 -2.05 -22.76
N LEU A 148 14.05 -1.37 -22.17
CA LEU A 148 13.09 -0.62 -22.98
C LEU A 148 13.77 0.56 -23.67
N ALA A 149 14.61 1.29 -22.95
CA ALA A 149 15.30 2.44 -23.53
C ALA A 149 16.24 2.03 -24.66
N ALA A 150 16.75 0.80 -24.61
CA ALA A 150 17.59 0.35 -25.71
C ALA A 150 16.80 0.15 -26.99
N ILE A 151 15.49 -0.06 -26.89
CA ILE A 151 14.63 -0.27 -28.07
C ILE A 151 14.20 1.06 -28.67
N ALA A 152 13.75 2.00 -27.85
CA ALA A 152 13.20 3.26 -28.34
C ALA A 152 13.20 4.24 -27.19
N PRO A 153 13.05 5.54 -27.46
CA PRO A 153 12.88 6.51 -26.37
C PRO A 153 11.79 6.06 -25.41
N THR A 154 12.13 5.98 -24.12
CA THR A 154 11.25 5.42 -23.10
C THR A 154 11.10 6.42 -21.97
N VAL A 155 9.86 6.70 -21.59
CA VAL A 155 9.59 7.54 -20.43
C VAL A 155 8.80 6.74 -19.42
N PHE A 156 9.24 6.77 -18.17
CA PHE A 156 8.52 6.16 -17.07
C PHE A 156 7.86 7.22 -16.23
N THR A 157 6.60 6.98 -15.88
CA THR A 157 5.90 7.73 -14.84
C THR A 157 5.88 6.90 -13.57
N ALA A 158 5.26 7.45 -12.53
CA ALA A 158 5.21 6.79 -11.22
C ALA A 158 4.16 5.67 -11.27
N ALA A 159 4.01 4.96 -10.15
CA ALA A 159 2.92 4.01 -10.04
C ALA A 159 1.57 4.67 -10.38
N PRO A 160 0.67 3.97 -11.05
CA PRO A 160 -0.70 4.48 -11.16
C PRO A 160 -1.37 4.56 -9.80
N GLY A 161 -2.28 5.51 -9.66
CA GLY A 161 -3.04 5.63 -8.44
C GLY A 161 -3.28 7.06 -8.02
N ALA A 162 -3.05 7.36 -6.74
CA ALA A 162 -3.33 8.69 -6.19
C ALA A 162 -2.55 9.79 -6.91
N ASP A 163 -1.37 9.49 -7.46
CA ASP A 163 -0.54 10.48 -8.15
C ASP A 163 -0.89 10.60 -9.62
N TRP A 164 -2.15 10.33 -9.98
CA TRP A 164 -2.54 10.26 -11.39
C TRP A 164 -2.32 11.57 -12.13
N GLU A 165 -2.48 12.73 -11.47
CA GLU A 165 -2.30 13.98 -12.21
C GLU A 165 -0.86 14.16 -12.62
N ASN A 166 0.09 13.85 -11.73
CA ASN A 166 1.49 13.93 -12.11
C ASN A 166 1.85 12.89 -13.17
N ASN A 167 1.21 11.72 -13.15
CA ASN A 167 1.48 10.75 -14.21
C ASN A 167 1.01 11.31 -15.55
N LEU A 168 -0.17 11.96 -15.56
CA LEU A 168 -0.64 12.62 -16.78
C LEU A 168 0.33 13.72 -17.22
N ARG A 169 0.85 14.52 -16.28
CA ARG A 169 1.87 15.51 -16.65
C ARG A 169 3.08 14.86 -17.30
N GLY A 170 3.49 13.70 -16.78
CA GLY A 170 4.64 13.00 -17.36
C GLY A 170 4.36 12.54 -18.78
N VAL A 171 3.15 12.02 -19.03
CA VAL A 171 2.77 11.67 -20.40
C VAL A 171 2.73 12.91 -21.29
N GLY A 172 2.23 14.04 -20.74
CA GLY A 172 2.24 15.29 -21.51
C GLY A 172 3.64 15.66 -21.98
N ALA A 173 4.62 15.66 -21.07
CA ALA A 173 5.97 16.01 -21.50
C ALA A 173 6.53 14.97 -22.48
N ALA A 174 6.23 13.69 -22.24
CA ALA A 174 6.71 12.62 -23.10
C ALA A 174 6.15 12.70 -24.52
N THR A 175 5.02 13.39 -24.71
CA THR A 175 4.38 13.51 -26.03
C THR A 175 4.39 14.95 -26.52
N ALA A 176 5.17 15.82 -25.89
CA ALA A 176 5.31 17.21 -26.34
C ALA A 176 4.00 17.98 -26.24
N ARG A 177 3.19 17.65 -25.22
CA ARG A 177 1.84 18.19 -25.01
C ARG A 177 1.70 18.73 -23.60
N ILE A 178 2.70 19.51 -23.19
CA ILE A 178 2.71 20.06 -21.84
C ILE A 178 1.57 21.04 -21.64
N ALA A 179 1.40 22.00 -22.56
CA ALA A 179 0.31 22.97 -22.42
C ALA A 179 -1.05 22.30 -22.52
N ALA A 180 -1.21 21.34 -23.44
CA ALA A 180 -2.48 20.61 -23.54
C ALA A 180 -2.82 19.92 -22.22
N VAL A 181 -1.86 19.24 -21.60
CA VAL A 181 -2.15 18.58 -20.33
C VAL A 181 -2.44 19.61 -19.24
N ASP A 182 -1.71 20.73 -19.21
N ASP A 182 -1.72 20.73 -19.22
CA ASP A 182 -2.00 21.73 -18.19
CA ASP A 182 -1.98 21.74 -18.20
C ASP A 182 -3.43 22.22 -18.31
C ASP A 182 -3.41 22.25 -18.31
N ALA A 183 -3.90 22.42 -19.53
CA ALA A 183 -5.28 22.88 -19.72
C ALA A 183 -6.27 21.78 -19.33
N LEU A 184 -5.95 20.50 -19.59
CA LEU A 184 -6.86 19.46 -19.15
C LEU A 184 -6.97 19.43 -17.63
N ILE A 185 -5.84 19.59 -16.94
CA ILE A 185 -5.85 19.51 -15.47
C ILE A 185 -6.55 20.71 -14.87
N THR A 186 -6.29 21.92 -15.39
CA THR A 186 -7.02 23.10 -14.96
C THR A 186 -8.53 22.93 -15.18
N GLY A 187 -8.92 22.46 -16.36
CA GLY A 187 -10.33 22.26 -16.65
C GLY A 187 -10.96 21.24 -15.73
N PHE A 188 -10.23 20.16 -15.43
CA PHE A 188 -10.76 19.15 -14.53
C PHE A 188 -10.93 19.71 -13.12
N ALA A 189 -9.95 20.46 -12.63
CA ALA A 189 -10.04 21.00 -11.27
C ALA A 189 -11.25 21.91 -11.13
N GLU A 190 -11.49 22.74 -12.16
CA GLU A 190 -12.64 23.64 -12.12
C GLU A 190 -13.95 22.86 -12.15
N HIS A 191 -14.01 21.82 -12.98
CA HIS A 191 -15.20 21.00 -13.08
C HIS A 191 -15.46 20.28 -11.77
N ALA A 192 -14.43 19.64 -11.20
CA ALA A 192 -14.61 18.91 -9.95
C ALA A 192 -15.07 19.83 -8.82
N THR A 193 -14.48 21.02 -8.73
CA THR A 193 -14.91 21.97 -7.72
C THR A 193 -16.34 22.43 -7.95
N GLN A 194 -16.72 22.70 -9.20
N GLN A 194 -16.71 22.70 -9.21
CA GLN A 194 -18.09 23.12 -9.48
CA GLN A 194 -18.09 23.10 -9.51
C GLN A 194 -19.11 22.04 -9.09
C GLN A 194 -19.08 22.04 -9.07
N VAL A 195 -18.80 20.77 -9.40
CA VAL A 195 -19.70 19.68 -9.03
C VAL A 195 -19.78 19.58 -7.51
N GLY A 196 -18.64 19.64 -6.83
CA GLY A 196 -18.68 19.56 -5.37
C GLY A 196 -19.45 20.70 -4.72
N THR A 197 -19.30 21.91 -5.25
CA THR A 197 -20.04 23.04 -4.70
C THR A 197 -21.53 22.88 -4.93
N LYS A 198 -21.90 22.46 -6.15
CA LYS A 198 -23.31 22.35 -6.50
C LYS A 198 -24.00 21.29 -5.65
N HIS A 199 -23.29 20.18 -5.37
CA HIS A 199 -23.87 19.06 -4.63
C HIS A 199 -23.50 19.10 -3.17
N ASP A 200 -22.93 20.21 -2.68
N ASP A 200 -22.91 20.19 -2.70
CA ASP A 200 -22.49 20.37 -1.30
CA ASP A 200 -22.50 20.36 -1.29
C ASP A 200 -21.77 19.12 -0.80
C ASP A 200 -21.77 19.12 -0.80
N ALA A 201 -20.79 18.68 -1.61
CA ALA A 201 -20.19 17.36 -1.44
C ALA A 201 -19.50 17.17 -0.10
N THR A 202 -19.01 18.26 0.52
CA THR A 202 -18.27 18.09 1.78
C THR A 202 -19.16 17.59 2.90
N HIS A 203 -20.48 17.59 2.73
N HIS A 203 -20.48 17.59 2.73
CA HIS A 203 -21.38 17.21 3.80
CA HIS A 203 -21.37 17.21 3.81
C HIS A 203 -21.94 15.81 3.65
C HIS A 203 -21.97 15.82 3.63
N PHE A 204 -21.36 15.00 2.76
CA PHE A 204 -21.76 13.62 2.57
C PHE A 204 -20.52 12.75 2.61
N GLN A 205 -20.59 11.64 3.33
CA GLN A 205 -19.49 10.69 3.39
C GLN A 205 -19.75 9.54 2.43
N ALA A 206 -18.78 9.27 1.56
CA ALA A 206 -18.89 8.23 0.56
C ALA A 206 -17.92 7.10 0.83
N SER A 207 -18.40 5.88 0.65
CA SER A 207 -17.63 4.66 0.79
C SER A 207 -17.27 4.11 -0.60
N ILE A 208 -16.05 3.60 -0.72
CA ILE A 208 -15.54 3.01 -1.95
C ILE A 208 -15.26 1.54 -1.69
N VAL A 209 -15.98 0.66 -2.40
CA VAL A 209 -15.90 -0.78 -2.21
C VAL A 209 -15.67 -1.44 -3.56
N GLN A 210 -14.81 -2.45 -3.59
CA GLN A 210 -14.58 -3.24 -4.79
C GLN A 210 -14.68 -4.71 -4.42
N LEU A 211 -15.55 -5.46 -5.10
CA LEU A 211 -15.61 -6.89 -4.90
C LEU A 211 -14.69 -7.63 -5.85
N THR A 212 -13.97 -8.61 -5.33
CA THR A 212 -13.31 -9.62 -6.14
C THR A 212 -14.15 -10.89 -6.10
N ALA A 213 -13.65 -11.94 -6.77
CA ALA A 213 -14.34 -13.22 -6.75
C ALA A 213 -14.62 -13.70 -5.33
N ASN A 214 -13.69 -13.48 -4.39
CA ASN A 214 -13.81 -14.06 -3.06
C ASN A 214 -13.55 -13.09 -1.92
N THR A 215 -13.46 -11.79 -2.19
CA THR A 215 -13.24 -10.81 -1.13
C THR A 215 -13.97 -9.53 -1.43
N MSE A 216 -14.07 -8.70 -0.39
CA MSE A 216 -14.56 -7.35 -0.47
C MSE A 216 -13.36 -6.46 -0.09
O MSE A 216 -12.73 -6.67 0.95
CB MSE A 216 -15.70 -7.13 0.54
CG MSE A 216 -16.10 -5.68 0.66
SE MSE A 216 -17.37 -5.44 2.13
CE MSE A 216 -18.72 -6.74 1.65
N ARG A 217 -13.03 -5.51 -0.94
CA ARG A 217 -11.99 -4.52 -0.63
C ARG A 217 -12.65 -3.20 -0.30
N VAL A 218 -12.26 -2.62 0.82
CA VAL A 218 -12.75 -1.32 1.26
C VAL A 218 -11.58 -0.35 1.15
N TYR A 219 -11.74 0.65 0.29
CA TYR A 219 -10.63 1.54 -0.03
C TYR A 219 -10.53 2.69 0.97
N GLY A 220 -9.30 3.11 1.26
CA GLY A 220 -9.08 4.22 2.19
C GLY A 220 -8.90 5.54 1.47
N ALA A 221 -7.97 6.36 1.98
CA ALA A 221 -7.74 7.70 1.47
C ALA A 221 -6.58 7.80 0.47
N ASN A 222 -5.85 6.72 0.22
CA ASN A 222 -4.59 6.76 -0.55
C ASN A 222 -4.75 5.80 -1.73
N ASN A 223 -5.35 6.31 -2.81
CA ASN A 223 -5.61 5.50 -4.01
C ASN A 223 -6.25 6.40 -5.05
N PHE A 224 -6.42 5.89 -6.28
CA PHE A 224 -6.98 6.70 -7.36
C PHE A 224 -8.38 7.26 -7.06
N PRO A 225 -9.40 6.43 -6.82
CA PRO A 225 -10.72 7.05 -6.64
C PRO A 225 -10.77 7.98 -5.43
N ALA A 226 -10.04 7.67 -4.35
CA ALA A 226 -10.00 8.58 -3.21
C ALA A 226 -9.51 9.96 -3.63
N SER A 227 -8.49 10.01 -4.51
N SER A 227 -8.50 10.01 -4.50
CA SER A 227 -7.96 11.31 -4.91
CA SER A 227 -7.96 11.31 -4.93
C SER A 227 -8.97 12.10 -5.73
C SER A 227 -8.99 12.10 -5.71
N VAL A 228 -9.81 11.41 -6.51
CA VAL A 228 -10.84 12.11 -7.28
C VAL A 228 -11.95 12.61 -6.37
N LEU A 229 -12.37 11.79 -5.40
CA LEU A 229 -13.35 12.26 -4.43
C LEU A 229 -12.82 13.48 -3.69
N SER A 230 -11.53 13.49 -3.34
N SER A 230 -11.53 13.49 -3.35
CA SER A 230 -10.96 14.63 -2.63
CA SER A 230 -10.98 14.65 -2.65
C SER A 230 -10.99 15.90 -3.50
C SER A 230 -11.01 15.90 -3.51
N ALA A 231 -10.78 15.75 -4.81
CA ALA A 231 -10.86 16.90 -5.71
C ALA A 231 -12.27 17.50 -5.75
N VAL A 232 -13.28 16.65 -5.65
CA VAL A 232 -14.66 17.14 -5.63
C VAL A 232 -15.01 17.68 -4.24
N GLY A 233 -14.35 17.15 -3.21
CA GLY A 233 -14.62 17.49 -1.82
C GLY A 233 -15.53 16.52 -1.08
N VAL A 234 -15.85 15.37 -1.66
CA VAL A 234 -16.70 14.40 -0.99
C VAL A 234 -15.97 13.88 0.23
N ASP A 235 -16.68 13.80 1.36
CA ASP A 235 -16.07 13.32 2.60
C ASP A 235 -16.07 11.79 2.58
N ARG A 236 -15.44 11.19 3.58
CA ARG A 236 -15.24 9.75 3.67
C ARG A 236 -15.54 9.34 5.10
N PRO A 237 -16.10 8.16 5.33
CA PRO A 237 -16.34 7.71 6.72
C PRO A 237 -15.03 7.49 7.46
N PRO A 238 -15.04 7.52 8.79
CA PRO A 238 -13.80 7.33 9.56
C PRO A 238 -13.04 6.05 9.23
N SER A 239 -13.75 4.99 8.85
CA SER A 239 -13.11 3.71 8.54
C SER A 239 -12.31 3.76 7.25
N GLN A 240 -12.40 4.85 6.47
CA GLN A 240 -11.81 4.92 5.14
C GLN A 240 -10.86 6.11 5.02
N ARG A 241 -10.20 6.48 6.12
CA ARG A 241 -9.25 7.57 6.13
C ARG A 241 -7.81 7.08 6.19
N PHE A 242 -7.60 5.77 6.25
CA PHE A 242 -6.25 5.20 6.37
C PHE A 242 -5.45 5.41 5.07
N THR A 243 -4.14 5.52 5.23
CA THR A 243 -3.26 5.80 4.11
C THR A 243 -2.08 4.83 3.97
N ASP A 244 -1.98 3.80 4.82
CA ASP A 244 -0.85 2.85 4.77
C ASP A 244 -0.90 1.94 3.54
N LYS A 245 -2.09 1.69 3.01
CA LYS A 245 -2.27 0.84 1.85
C LYS A 245 -3.55 1.29 1.17
N ALA A 246 -3.76 0.83 -0.07
CA ALA A 246 -4.91 1.28 -0.84
C ALA A 246 -6.23 0.83 -0.23
N TYR A 247 -6.28 -0.41 0.28
CA TYR A 247 -7.55 -1.00 0.75
C TYR A 247 -7.29 -2.05 1.83
N ILE A 248 -8.33 -2.28 2.64
CA ILE A 248 -8.41 -3.44 3.52
C ILE A 248 -9.29 -4.47 2.83
N GLU A 249 -9.16 -5.73 3.23
CA GLU A 249 -9.81 -6.79 2.49
C GLU A 249 -10.45 -7.78 3.46
N ILE A 250 -11.69 -8.19 3.15
CA ILE A 250 -12.51 -9.07 3.98
C ILE A 250 -13.01 -10.21 3.09
N GLY A 251 -12.92 -11.46 3.58
CA GLY A 251 -13.39 -12.58 2.76
C GLY A 251 -14.90 -12.63 2.62
N THR A 252 -15.36 -13.05 1.43
CA THR A 252 -16.80 -13.11 1.17
C THR A 252 -17.25 -14.45 0.58
N THR A 253 -16.47 -15.53 0.75
CA THR A 253 -16.98 -16.82 0.26
C THR A 253 -18.20 -17.23 1.06
N ALA A 254 -18.90 -18.26 0.58
CA ALA A 254 -20.07 -18.73 1.33
C ALA A 254 -19.69 -19.08 2.76
N ALA A 255 -18.57 -19.78 2.95
CA ALA A 255 -18.12 -20.13 4.29
C ALA A 255 -17.78 -18.88 5.10
N ASP A 256 -17.14 -17.89 4.46
CA ASP A 256 -16.82 -16.66 5.18
C ASP A 256 -18.09 -15.97 5.66
N LEU A 257 -19.12 -15.91 4.81
CA LEU A 257 -20.34 -15.19 5.16
C LEU A 257 -21.08 -15.88 6.30
N ALA A 258 -20.97 -17.20 6.40
CA ALA A 258 -21.64 -17.96 7.45
C ALA A 258 -21.07 -17.64 8.83
N LYS A 259 -19.92 -16.99 8.91
CA LYS A 259 -19.30 -16.63 10.17
C LYS A 259 -19.71 -15.27 10.67
N SER A 260 -20.70 -14.64 10.05
CA SER A 260 -21.20 -13.33 10.46
C SER A 260 -20.12 -12.26 10.58
N PRO A 261 -19.33 -12.05 9.53
CA PRO A 261 -18.32 -10.99 9.59
C PRO A 261 -19.00 -9.63 9.68
N ASP A 262 -18.32 -8.68 10.31
CA ASP A 262 -18.80 -7.31 10.43
C ASP A 262 -18.33 -6.54 9.20
N PHE A 263 -19.29 -6.02 8.40
CA PHE A 263 -18.96 -5.25 7.21
C PHE A 263 -19.07 -3.74 7.47
N SER A 264 -19.15 -3.32 8.72
CA SER A 264 -19.37 -1.89 9.03
C SER A 264 -18.34 -0.95 8.40
N ALA A 265 -17.10 -1.41 8.13
CA ALA A 265 -16.11 -0.52 7.52
C ALA A 265 -16.57 -0.02 6.16
N ALA A 266 -17.49 -0.72 5.50
CA ALA A 266 -17.98 -0.34 4.19
C ALA A 266 -19.12 0.68 4.25
N ASP A 267 -19.66 0.97 5.43
CA ASP A 267 -20.85 1.83 5.52
C ASP A 267 -20.46 3.30 5.36
N ALA A 268 -21.41 4.08 4.86
CA ALA A 268 -21.29 5.54 4.74
C ALA A 268 -22.67 6.08 4.39
N ASP A 269 -22.73 7.38 4.05
CA ASP A 269 -23.99 7.95 3.57
C ASP A 269 -24.35 7.43 2.19
N ILE A 270 -23.33 7.07 1.41
CA ILE A 270 -23.51 6.50 0.08
C ILE A 270 -22.37 5.54 -0.13
N VAL A 271 -22.65 4.43 -0.79
CA VAL A 271 -21.63 3.43 -1.11
C VAL A 271 -21.54 3.30 -2.61
N TYR A 272 -20.32 3.41 -3.15
CA TYR A 272 -20.05 3.14 -4.56
C TYR A 272 -19.27 1.83 -4.62
N LEU A 273 -19.84 0.84 -5.29
CA LEU A 273 -19.33 -0.53 -5.29
C LEU A 273 -19.07 -0.96 -6.73
N SER A 274 -17.87 -1.46 -7.00
CA SER A 274 -17.59 -2.03 -8.31
C SER A 274 -17.17 -3.50 -8.16
N CYS A 275 -17.16 -4.19 -9.30
CA CYS A 275 -16.75 -5.58 -9.39
C CYS A 275 -15.49 -5.69 -10.24
N ALA A 276 -14.49 -6.36 -9.68
CA ALA A 276 -13.18 -6.40 -10.34
C ALA A 276 -13.16 -7.32 -11.55
N SER A 277 -14.17 -8.16 -11.70
CA SER A 277 -14.21 -9.18 -12.75
C SER A 277 -15.65 -9.65 -12.86
N GLU A 278 -15.94 -10.37 -13.96
CA GLU A 278 -17.25 -10.99 -14.09
C GLU A 278 -17.48 -12.02 -13.01
N ALA A 279 -16.43 -12.75 -12.62
CA ALA A 279 -16.54 -13.70 -11.51
C ALA A 279 -16.98 -13.00 -10.22
N ALA A 280 -16.45 -11.81 -9.95
CA ALA A 280 -16.92 -11.02 -8.81
C ALA A 280 -18.37 -10.62 -8.99
N ALA A 281 -18.74 -10.16 -10.19
CA ALA A 281 -20.12 -9.76 -10.43
C ALA A 281 -21.10 -10.91 -10.20
N GLU A 282 -20.70 -12.14 -10.51
CA GLU A 282 -21.55 -13.32 -10.34
C GLU A 282 -21.91 -13.62 -8.88
N ARG A 283 -21.13 -13.12 -7.91
CA ARG A 283 -21.47 -13.24 -6.50
C ARG A 283 -21.90 -11.92 -5.87
N ALA A 284 -21.94 -10.82 -6.63
CA ALA A 284 -22.26 -9.54 -6.02
C ALA A 284 -23.63 -9.56 -5.36
N ALA A 285 -24.64 -10.14 -6.02
CA ALA A 285 -25.98 -10.13 -5.43
C ALA A 285 -26.02 -10.92 -4.11
N VAL A 286 -25.31 -12.05 -4.04
CA VAL A 286 -25.17 -12.82 -2.79
C VAL A 286 -24.67 -11.93 -1.67
N ILE A 287 -23.56 -11.23 -1.93
CA ILE A 287 -22.96 -10.39 -0.89
C ILE A 287 -23.93 -9.31 -0.47
N LEU A 288 -24.57 -8.66 -1.46
CA LEU A 288 -25.48 -7.55 -1.13
C LEU A 288 -26.72 -8.03 -0.40
N ASP A 289 -27.12 -9.28 -0.60
N ASP A 289 -27.13 -9.28 -0.61
CA ASP A 289 -28.29 -9.83 0.08
CA ASP A 289 -28.29 -9.84 0.07
C ASP A 289 -27.94 -10.44 1.43
C ASP A 289 -27.94 -10.47 1.42
N SER A 290 -26.65 -10.52 1.77
CA SER A 290 -26.23 -11.22 2.98
C SER A 290 -26.61 -10.43 4.24
N ASP A 291 -26.76 -11.15 5.34
CA ASP A 291 -27.05 -10.46 6.60
C ASP A 291 -25.99 -9.43 6.97
N PRO A 292 -24.69 -9.67 6.80
CA PRO A 292 -23.72 -8.61 7.15
C PRO A 292 -23.89 -7.36 6.30
N TRP A 293 -24.22 -7.50 5.02
CA TRP A 293 -24.38 -6.30 4.21
C TRP A 293 -25.70 -5.59 4.53
N ARG A 294 -26.76 -6.36 4.76
N ARG A 294 -26.76 -6.36 4.77
CA ARG A 294 -28.05 -5.74 5.05
CA ARG A 294 -28.05 -5.73 5.04
C ARG A 294 -28.04 -4.94 6.34
C ARG A 294 -28.06 -4.96 6.36
N LYS A 295 -27.08 -5.20 7.23
CA LYS A 295 -26.99 -4.41 8.46
C LYS A 295 -26.56 -2.97 8.20
N LEU A 296 -25.96 -2.68 7.04
CA LEU A 296 -25.38 -1.37 6.81
C LEU A 296 -26.48 -0.33 6.59
N SER A 297 -26.30 0.84 7.21
N SER A 297 -26.31 0.85 7.20
CA SER A 297 -27.24 1.94 7.03
CA SER A 297 -27.31 1.89 7.02
C SER A 297 -27.41 2.32 5.57
C SER A 297 -27.43 2.34 5.57
N ALA A 298 -26.32 2.34 4.81
CA ALA A 298 -26.42 2.72 3.40
C ALA A 298 -27.31 1.75 2.63
N ASN A 299 -27.26 0.47 2.98
CA ASN A 299 -28.14 -0.48 2.31
C ASN A 299 -29.59 -0.29 2.74
N ARG A 300 -29.81 -0.10 4.04
N ARG A 300 -29.81 -0.09 4.05
CA ARG A 300 -31.16 0.13 4.55
CA ARG A 300 -31.18 0.12 4.54
C ARG A 300 -31.81 1.32 3.87
C ARG A 300 -31.82 1.34 3.91
N ASP A 301 -31.02 2.33 3.51
CA ASP A 301 -31.53 3.55 2.91
C ASP A 301 -31.48 3.55 1.39
N ASN A 302 -31.17 2.41 0.77
N ASN A 302 -31.14 2.41 0.78
CA ASN A 302 -31.12 2.28 -0.70
CA ASN A 302 -31.11 2.29 -0.69
C ASN A 302 -30.12 3.26 -1.30
C ASN A 302 -30.12 3.26 -1.31
N ARG A 303 -28.98 3.41 -0.66
CA ARG A 303 -27.92 4.34 -1.06
C ARG A 303 -26.64 3.61 -1.46
N VAL A 304 -26.77 2.38 -1.92
CA VAL A 304 -25.66 1.60 -2.50
C VAL A 304 -25.83 1.61 -4.01
N PHE A 305 -24.75 1.93 -4.74
CA PHE A 305 -24.78 2.01 -6.19
C PHE A 305 -23.63 1.20 -6.75
N VAL A 306 -23.92 0.47 -7.82
CA VAL A 306 -22.90 -0.33 -8.52
C VAL A 306 -22.31 0.53 -9.62
N VAL A 307 -20.99 0.58 -9.68
CA VAL A 307 -20.27 1.46 -10.60
C VAL A 307 -19.28 0.65 -11.45
N ASN A 308 -18.82 1.30 -12.52
CA ASN A 308 -17.92 0.68 -13.47
C ASN A 308 -16.51 0.58 -12.86
N ASP A 309 -15.95 -0.65 -12.80
CA ASP A 309 -14.64 -0.89 -12.18
C ASP A 309 -13.49 -0.26 -12.97
N GLN A 310 -13.61 -0.18 -14.29
CA GLN A 310 -12.54 0.44 -15.08
C GLN A 310 -12.48 1.94 -14.81
N VAL A 311 -13.65 2.57 -14.73
CA VAL A 311 -13.75 3.99 -14.39
C VAL A 311 -13.24 4.26 -12.97
N TRP A 312 -13.67 3.44 -12.01
CA TRP A 312 -13.38 3.76 -10.61
C TRP A 312 -12.01 3.27 -10.16
N GLN A 313 -11.53 2.12 -10.69
CA GLN A 313 -10.37 1.45 -10.11
C GLN A 313 -9.22 1.21 -11.05
N THR A 314 -9.44 0.72 -12.27
CA THR A 314 -8.31 0.20 -13.05
C THR A 314 -7.81 1.11 -14.15
N GLY A 315 -8.55 2.15 -14.53
CA GLY A 315 -8.12 3.06 -15.59
C GLY A 315 -7.12 4.09 -15.08
N GLU A 316 -7.54 4.87 -14.09
CA GLU A 316 -6.64 5.69 -13.27
C GLU A 316 -6.07 6.90 -14.02
N GLY A 317 -6.78 7.42 -15.02
CA GLY A 317 -6.40 8.66 -15.65
C GLY A 317 -7.57 9.63 -15.71
N MSE A 318 -7.40 10.69 -16.50
N MSE A 318 -7.41 10.68 -16.51
CA MSE A 318 -8.37 11.76 -16.62
CA MSE A 318 -8.35 11.78 -16.63
C MSE A 318 -9.75 11.27 -17.09
C MSE A 318 -9.73 11.37 -17.18
O MSE A 318 -10.77 11.70 -16.57
O MSE A 318 -10.75 11.91 -16.76
CB MSE A 318 -7.84 12.79 -17.64
CB MSE A 318 -7.72 12.93 -17.46
CG MSE A 318 -8.79 13.91 -17.99
CG MSE A 318 -8.71 13.93 -18.07
SE MSE A 318 -9.18 14.94 -16.42
SE MSE A 318 -8.43 15.82 -17.62
CE MSE A 318 -7.47 15.96 -16.30
CE MSE A 318 -7.29 15.68 -16.05
N VAL A 319 -9.78 10.43 -18.13
CA VAL A 319 -11.07 9.94 -18.60
C VAL A 319 -11.82 9.20 -17.49
N ALA A 320 -11.10 8.33 -16.79
CA ALA A 320 -11.70 7.62 -15.65
C ALA A 320 -12.15 8.62 -14.58
N ALA A 321 -11.31 9.61 -14.26
CA ALA A 321 -11.66 10.60 -13.25
C ALA A 321 -12.95 11.34 -13.60
N ARG A 322 -13.11 11.73 -14.87
CA ARG A 322 -14.35 12.38 -15.30
C ARG A 322 -15.55 11.46 -15.08
N GLY A 323 -15.36 10.15 -15.31
CA GLY A 323 -16.44 9.20 -15.07
C GLY A 323 -16.82 9.10 -13.60
N ILE A 324 -15.82 9.09 -12.72
CA ILE A 324 -16.12 9.13 -11.28
C ILE A 324 -16.92 10.38 -10.92
N VAL A 325 -16.48 11.54 -11.41
CA VAL A 325 -17.16 12.79 -11.06
C VAL A 325 -18.62 12.76 -11.46
N ASP A 326 -18.94 12.17 -12.61
CA ASP A 326 -20.34 12.03 -13.00
C ASP A 326 -21.11 11.24 -11.96
N ASP A 327 -20.52 10.14 -11.46
CA ASP A 327 -21.24 9.30 -10.49
C ASP A 327 -21.39 10.03 -9.16
N LEU A 328 -20.49 10.98 -8.85
CA LEU A 328 -20.56 11.72 -7.59
C LEU A 328 -21.72 12.71 -7.54
N ARG A 329 -22.40 12.96 -8.65
CA ARG A 329 -23.58 13.82 -8.61
C ARG A 329 -24.68 13.23 -7.73
N TRP A 330 -24.58 11.95 -7.37
N TRP A 330 -24.59 11.95 -7.38
CA TRP A 330 -25.60 11.30 -6.56
CA TRP A 330 -25.59 11.29 -6.56
C TRP A 330 -25.43 11.54 -5.06
C TRP A 330 -25.42 11.51 -5.07
N VAL A 331 -24.35 12.17 -4.61
CA VAL A 331 -24.12 12.28 -3.16
C VAL A 331 -25.27 12.98 -2.43
N ASP A 332 -25.87 14.00 -3.05
CA ASP A 332 -26.94 14.77 -2.42
C ASP A 332 -28.33 14.39 -2.94
N ALA A 333 -28.46 13.22 -3.59
CA ALA A 333 -29.74 12.78 -4.13
C ALA A 333 -30.70 12.41 -3.00
N PRO A 334 -32.02 12.51 -3.24
CA PRO A 334 -33.06 12.23 -2.23
C PRO A 334 -32.87 10.91 -1.49
N PRO B 13 20.71 -15.18 15.54
CA PRO B 13 19.47 -14.46 15.26
C PRO B 13 19.15 -14.36 13.77
N THR B 14 20.15 -14.10 12.94
CA THR B 14 19.95 -13.94 11.50
C THR B 14 20.97 -14.75 10.72
N THR B 15 20.46 -15.56 9.80
CA THR B 15 21.30 -16.43 8.98
C THR B 15 22.25 -15.60 8.13
N GLN B 16 23.55 -15.89 8.24
CA GLN B 16 24.55 -15.25 7.40
C GLN B 16 24.43 -15.75 5.96
N ILE B 17 24.49 -14.81 5.03
CA ILE B 17 24.35 -15.10 3.62
C ILE B 17 25.69 -14.81 2.95
N ALA B 18 26.18 -15.74 2.13
CA ALA B 18 27.42 -15.48 1.40
C ALA B 18 27.22 -14.25 0.51
N GLY B 19 28.21 -13.36 0.51
CA GLY B 19 28.19 -12.16 -0.32
C GLY B 19 27.73 -10.87 0.33
N ALA B 20 27.55 -10.85 1.66
CA ALA B 20 27.15 -9.62 2.36
C ALA B 20 27.54 -9.72 3.83
N GLY B 21 27.67 -8.56 4.48
CA GLY B 21 27.84 -8.51 5.93
C GLY B 21 26.54 -8.91 6.64
N VAL B 22 26.62 -9.12 7.96
N VAL B 22 26.64 -9.09 7.95
CA VAL B 22 25.46 -9.45 8.77
CA VAL B 22 25.46 -9.42 8.73
C VAL B 22 25.45 -8.61 10.03
C VAL B 22 25.45 -8.59 10.01
N LEU B 23 24.34 -7.93 10.28
CA LEU B 23 24.16 -7.11 11.47
C LEU B 23 23.14 -7.73 12.42
N GLY B 24 23.40 -7.58 13.72
CA GLY B 24 22.44 -8.00 14.73
C GLY B 24 22.74 -9.32 15.41
N ASN B 25 23.85 -10.00 15.07
CA ASN B 25 24.06 -11.33 15.63
C ASN B 25 24.53 -11.30 17.07
N ASP B 26 24.89 -10.13 17.58
CA ASP B 26 25.18 -9.97 19.00
C ASP B 26 24.05 -9.35 19.80
N ARG B 27 22.91 -9.11 19.17
CA ARG B 27 21.74 -8.66 19.90
C ARG B 27 21.25 -9.76 20.83
N LYS B 28 20.87 -9.39 22.05
CA LYS B 28 20.40 -10.36 23.01
C LYS B 28 18.89 -10.23 23.15
N PRO B 29 18.10 -11.12 22.52
CA PRO B 29 16.64 -10.93 22.57
C PRO B 29 16.05 -10.92 23.97
N ASP B 30 16.64 -11.64 24.91
CA ASP B 30 16.09 -11.64 26.26
C ASP B 30 16.44 -10.39 27.04
N GLU B 31 17.13 -9.43 26.45
CA GLU B 31 17.27 -8.12 27.04
C GLU B 31 16.27 -7.13 26.43
N SER B 32 15.29 -7.61 25.68
CA SER B 32 14.35 -6.71 25.00
C SER B 32 13.37 -6.09 25.97
N CYS B 33 12.84 -6.89 26.88
CA CYS B 33 11.74 -6.44 27.73
C CYS B 33 12.27 -5.54 28.82
N ALA B 34 11.43 -4.59 29.22
CA ALA B 34 11.71 -3.81 30.41
C ALA B 34 11.83 -4.77 31.59
N ARG B 35 12.75 -4.45 32.52
CA ARG B 35 13.04 -5.35 33.62
C ARG B 35 11.90 -5.41 34.61
N ALA B 36 11.09 -4.37 34.69
CA ALA B 36 9.96 -4.32 35.60
C ALA B 36 8.75 -3.82 34.84
N ALA B 37 7.58 -4.20 35.33
CA ALA B 37 6.34 -3.72 34.74
C ALA B 37 6.20 -2.23 34.98
N ALA B 38 5.96 -1.47 33.90
CA ALA B 38 5.69 -0.05 34.06
C ALA B 38 4.47 0.16 34.95
N ALA B 39 4.55 1.15 35.84
CA ALA B 39 3.42 1.47 36.70
C ALA B 39 2.27 2.06 35.89
N ALA B 40 1.05 1.65 36.24
CA ALA B 40 -0.12 2.27 35.65
C ALA B 40 -0.21 3.74 36.04
N ASP B 41 -0.87 4.52 35.21
CA ASP B 41 -1.24 5.86 35.62
C ASP B 41 -2.11 5.78 36.88
N PRO B 42 -1.98 6.74 37.79
CA PRO B 42 -2.90 6.78 38.94
C PRO B 42 -4.34 6.94 38.48
N GLY B 43 -5.25 6.30 39.21
CA GLY B 43 -6.66 6.38 38.85
C GLY B 43 -7.45 5.20 39.38
N PRO B 44 -8.71 5.09 38.96
CA PRO B 44 -9.59 4.03 39.47
C PRO B 44 -9.32 2.71 38.76
N PRO B 45 -10.03 1.63 39.13
CA PRO B 45 -9.65 0.29 38.63
C PRO B 45 -9.97 0.02 37.16
N THR B 46 -10.67 0.92 36.47
CA THR B 46 -10.89 0.80 35.03
C THR B 46 -10.57 2.14 34.40
N ARG B 47 -10.34 2.12 33.09
CA ARG B 47 -9.98 3.31 32.35
C ARG B 47 -10.66 3.29 30.99
N PRO B 48 -10.95 4.45 30.41
CA PRO B 48 -11.44 4.49 29.03
C PRO B 48 -10.27 4.44 28.05
N ALA B 49 -10.51 3.78 26.93
CA ALA B 49 -9.51 3.73 25.88
C ALA B 49 -10.22 3.90 24.54
N HIS B 50 -9.57 4.56 23.60
CA HIS B 50 -10.11 4.70 22.24
C HIS B 50 -9.68 3.55 21.32
N ASN B 51 -10.62 3.11 20.48
CA ASN B 51 -10.35 2.26 19.35
C ASN B 51 -9.87 3.08 18.16
N ALA B 52 -9.24 2.39 17.20
CA ALA B 52 -8.82 2.99 15.94
C ALA B 52 -10.01 3.61 15.19
N ALA B 53 -9.68 4.51 14.28
CA ALA B 53 -10.68 5.18 13.45
C ALA B 53 -11.59 4.17 12.75
N GLY B 54 -12.89 4.43 12.80
CA GLY B 54 -13.86 3.58 12.14
C GLY B 54 -14.40 2.45 12.98
N VAL B 55 -13.78 2.16 14.13
CA VAL B 55 -14.30 1.10 14.99
C VAL B 55 -15.45 1.66 15.81
N SER B 56 -16.53 0.87 15.90
CA SER B 56 -17.64 1.18 16.77
C SER B 56 -17.79 0.09 17.82
N PRO B 57 -17.94 0.44 19.10
CA PRO B 57 -17.94 1.79 19.66
C PRO B 57 -16.54 2.40 19.64
N GLU B 58 -16.46 3.73 19.72
CA GLU B 58 -15.18 4.42 19.73
C GLU B 58 -14.41 4.18 21.01
N MSE B 59 -15.10 4.02 22.13
N MSE B 59 -15.11 4.06 22.14
CA MSE B 59 -14.40 3.84 23.40
CA MSE B 59 -14.43 3.86 23.44
C MSE B 59 -14.75 2.56 24.11
C MSE B 59 -14.70 2.50 24.03
O MSE B 59 -15.84 2.02 23.92
O MSE B 59 -15.70 1.85 23.70
CB MSE B 59 -14.58 5.04 24.32
CB MSE B 59 -14.82 4.92 24.48
CG MSE B 59 -13.74 6.19 23.90
CG MSE B 59 -13.73 5.92 24.71
SE MSE B 59 -14.19 7.64 25.02
SE MSE B 59 -13.91 7.32 23.38
CE MSE B 59 -15.88 8.05 24.07
CE MSE B 59 -15.73 7.87 23.82
N VAL B 60 -13.80 2.09 24.91
CA VAL B 60 -13.90 0.82 25.62
C VAL B 60 -13.40 1.08 27.03
N GLN B 61 -14.05 0.47 28.02
CA GLN B 61 -13.51 0.50 29.37
C GLN B 61 -12.69 -0.74 29.63
N VAL B 62 -11.45 -0.54 30.07
CA VAL B 62 -10.47 -1.63 30.23
C VAL B 62 -10.07 -1.69 31.69
N PRO B 63 -9.55 -2.84 32.14
CA PRO B 63 -8.98 -2.89 33.50
C PRO B 63 -7.68 -2.12 33.58
N ALA B 64 -7.44 -1.55 34.76
CA ALA B 64 -6.14 -0.89 34.98
C ALA B 64 -4.99 -1.88 34.99
N GLU B 65 -5.23 -3.12 35.44
CA GLU B 65 -4.18 -4.14 35.61
C GLU B 65 -4.66 -5.45 35.00
N ALA B 66 -4.74 -5.48 33.67
CA ALA B 66 -5.13 -6.70 32.99
C ALA B 66 -4.10 -7.79 33.25
N GLN B 67 -4.59 -8.97 33.65
CA GLN B 67 -3.71 -10.08 34.00
C GLN B 67 -3.66 -11.19 32.97
N ARG B 68 -4.59 -11.21 31.99
CA ARG B 68 -4.66 -12.29 31.01
C ARG B 68 -4.93 -11.64 29.66
N ILE B 69 -3.88 -11.22 28.99
CA ILE B 69 -4.02 -10.45 27.75
C ILE B 69 -3.86 -11.40 26.57
N VAL B 70 -4.79 -11.35 25.62
CA VAL B 70 -4.64 -12.04 24.33
C VAL B 70 -4.27 -10.97 23.30
N VAL B 71 -3.21 -11.22 22.53
CA VAL B 71 -2.63 -10.22 21.64
C VAL B 71 -2.70 -10.72 20.21
N LEU B 72 -3.31 -9.93 19.33
CA LEU B 72 -3.53 -10.39 17.96
C LEU B 72 -2.65 -9.70 16.93
N SER B 73 -1.84 -8.71 17.31
CA SER B 73 -0.95 -8.05 16.37
C SER B 73 0.46 -8.04 16.94
N GLY B 74 1.45 -8.27 16.07
CA GLY B 74 2.83 -8.36 16.55
C GLY B 74 3.35 -7.08 17.18
N ASP B 75 2.96 -5.93 16.64
CA ASP B 75 3.43 -4.66 17.22
C ASP B 75 2.92 -4.50 18.65
N GLN B 76 1.79 -5.12 18.98
CA GLN B 76 1.29 -5.05 20.34
C GLN B 76 2.06 -5.96 21.29
N LEU B 77 2.52 -7.14 20.84
CA LEU B 77 3.46 -7.93 21.64
C LEU B 77 4.67 -7.07 21.99
N ASP B 78 5.20 -6.36 20.98
CA ASP B 78 6.37 -5.53 21.16
C ASP B 78 6.10 -4.44 22.20
N ALA B 79 4.96 -3.74 22.07
CA ALA B 79 4.58 -2.70 23.04
C ALA B 79 4.56 -3.23 24.45
N LEU B 80 3.96 -4.40 24.64
CA LEU B 80 3.85 -4.94 25.98
C LEU B 80 5.21 -5.28 26.56
N CYS B 81 6.14 -5.76 25.72
CA CYS B 81 7.50 -6.00 26.18
C CYS B 81 8.20 -4.70 26.54
N ALA B 82 8.02 -3.65 25.72
CA ALA B 82 8.63 -2.37 26.06
C ALA B 82 8.11 -1.83 27.40
N LEU B 83 6.87 -2.19 27.75
CA LEU B 83 6.25 -1.78 29.00
C LEU B 83 6.49 -2.79 30.13
N GLY B 84 7.17 -3.90 29.87
CA GLY B 84 7.45 -4.86 30.93
C GLY B 84 6.25 -5.68 31.33
N LEU B 85 5.22 -5.73 30.49
CA LEU B 85 3.98 -6.43 30.78
C LEU B 85 3.89 -7.81 30.12
N GLN B 86 5.00 -8.32 29.59
CA GLN B 86 4.96 -9.55 28.81
C GLN B 86 4.49 -10.76 29.64
N SER B 87 4.73 -10.75 30.96
N SER B 87 4.73 -10.76 30.95
CA SER B 87 4.28 -11.87 31.78
CA SER B 87 4.28 -11.91 31.74
C SER B 87 2.76 -11.98 31.84
C SER B 87 2.77 -11.94 31.96
N ARG B 88 2.04 -10.92 31.49
CA ARG B 88 0.58 -10.88 31.58
C ARG B 88 -0.08 -11.37 30.31
N ILE B 89 0.71 -11.72 29.29
CA ILE B 89 0.15 -12.22 28.03
C ILE B 89 -0.10 -13.71 28.18
N VAL B 90 -1.31 -14.15 27.83
CA VAL B 90 -1.64 -15.57 27.89
C VAL B 90 -1.59 -16.27 26.55
N ALA B 91 -1.74 -15.54 25.44
CA ALA B 91 -1.68 -16.16 24.13
C ALA B 91 -1.53 -15.07 23.10
N ALA B 92 -1.05 -15.46 21.92
CA ALA B 92 -0.91 -14.50 20.82
C ALA B 92 -1.20 -15.17 19.50
N ALA B 93 -1.81 -14.41 18.59
CA ALA B 93 -2.00 -14.90 17.23
C ALA B 93 -0.65 -15.04 16.53
N LEU B 94 -0.44 -16.18 15.87
CA LEU B 94 0.83 -16.48 15.22
C LEU B 94 0.97 -15.69 13.92
N PRO B 95 2.19 -15.41 13.49
CA PRO B 95 2.37 -14.84 12.14
C PRO B 95 1.72 -15.77 11.12
N ASN B 96 1.18 -15.17 10.06
CA ASN B 96 0.46 -15.97 9.08
C ASN B 96 1.29 -17.11 8.51
N SER B 97 2.60 -16.92 8.34
CA SER B 97 3.40 -17.90 7.62
C SER B 97 4.35 -18.69 8.53
N SER B 98 4.05 -18.76 9.82
CA SER B 98 4.95 -19.40 10.76
C SER B 98 4.16 -20.12 11.84
N SER B 99 4.64 -21.32 12.21
CA SER B 99 4.13 -21.99 13.40
C SER B 99 4.76 -21.47 14.68
N SER B 100 5.71 -20.55 14.58
N SER B 100 5.71 -20.54 14.58
CA SER B 100 6.46 -20.07 15.73
CA SER B 100 6.47 -20.07 15.73
C SER B 100 6.09 -18.62 16.03
C SER B 100 6.14 -18.62 16.02
N GLN B 101 6.03 -18.29 17.31
CA GLN B 101 5.96 -16.90 17.72
C GLN B 101 7.26 -16.22 17.35
N PRO B 102 7.27 -14.88 17.32
CA PRO B 102 8.54 -14.18 17.11
C PRO B 102 9.56 -14.57 18.18
N SER B 103 10.85 -14.41 17.83
N SER B 103 10.84 -14.41 17.83
CA SER B 103 11.95 -14.69 18.73
CA SER B 103 11.93 -14.69 18.76
C SER B 103 12.66 -13.44 19.20
C SER B 103 12.65 -13.44 19.22
N TYR B 104 12.50 -12.31 18.53
CA TYR B 104 13.36 -11.16 18.81
C TYR B 104 13.04 -10.50 20.12
N LEU B 105 11.88 -10.78 20.70
CA LEU B 105 11.44 -10.18 21.95
C LEU B 105 11.84 -11.04 23.16
N GLY B 106 12.42 -12.21 22.94
CA GLY B 106 12.90 -13.04 24.02
C GLY B 106 12.02 -14.25 24.27
N THR B 107 12.36 -14.96 25.35
CA THR B 107 11.81 -16.28 25.61
C THR B 107 10.34 -16.24 26.01
N THR B 108 9.94 -15.28 26.86
CA THR B 108 8.54 -15.23 27.29
C THR B 108 7.59 -15.14 26.09
N VAL B 109 7.89 -14.24 25.16
CA VAL B 109 7.02 -14.11 23.98
C VAL B 109 7.13 -15.35 23.09
N HIS B 110 8.35 -15.84 22.88
CA HIS B 110 8.53 -16.97 21.98
C HIS B 110 7.77 -18.21 22.46
N ASP B 111 7.55 -18.33 23.77
CA ASP B 111 6.89 -19.50 24.34
C ASP B 111 5.37 -19.38 24.38
N LEU B 112 4.79 -18.28 23.91
CA LEU B 112 3.37 -18.09 24.09
C LEU B 112 2.57 -19.08 23.24
N PRO B 113 1.47 -19.60 23.77
CA PRO B 113 0.55 -20.39 22.93
C PRO B 113 -0.07 -19.53 21.87
N GLY B 114 -0.45 -20.18 20.77
CA GLY B 114 -1.13 -19.50 19.68
C GLY B 114 -2.65 -19.55 19.80
N VAL B 115 -3.30 -18.60 19.14
CA VAL B 115 -4.76 -18.56 19.04
C VAL B 115 -5.12 -18.31 17.59
N GLY B 116 -4.70 -19.21 16.71
CA GLY B 116 -4.82 -18.97 15.29
C GLY B 116 -3.75 -18.00 14.82
N THR B 117 -3.96 -17.47 13.62
CA THR B 117 -3.02 -16.56 13.01
C THR B 117 -3.51 -15.12 13.08
N ARG B 118 -2.64 -14.19 12.71
CA ARG B 118 -3.01 -12.78 12.76
C ARG B 118 -4.13 -12.47 11.77
N SER B 119 -4.10 -13.09 10.59
N SER B 119 -4.10 -13.10 10.59
CA SER B 119 -5.20 -12.86 9.64
CA SER B 119 -5.18 -12.88 9.64
C SER B 119 -6.41 -13.73 9.90
C SER B 119 -6.43 -13.65 10.03
N ALA B 120 -6.28 -14.80 10.68
CA ALA B 120 -7.40 -15.67 11.02
C ALA B 120 -7.32 -16.12 12.48
N PRO B 121 -7.58 -15.22 13.41
CA PRO B 121 -7.60 -15.64 14.83
C PRO B 121 -8.67 -16.70 15.09
N ASP B 122 -8.39 -17.58 16.05
CA ASP B 122 -9.28 -18.68 16.43
C ASP B 122 -10.10 -18.20 17.64
N LEU B 123 -11.36 -17.83 17.38
CA LEU B 123 -12.20 -17.25 18.43
C LEU B 123 -12.47 -18.25 19.54
N ARG B 124 -12.63 -19.54 19.19
CA ARG B 124 -12.81 -20.55 20.23
C ARG B 124 -11.60 -20.59 21.15
N ALA B 125 -10.39 -20.56 20.58
CA ALA B 125 -9.19 -20.60 21.40
C ALA B 125 -9.03 -19.32 22.21
N ILE B 126 -9.44 -18.18 21.65
CA ILE B 126 -9.36 -16.94 22.43
C ILE B 126 -10.28 -17.02 23.65
N ALA B 127 -11.53 -17.43 23.45
CA ALA B 127 -12.44 -17.58 24.59
C ALA B 127 -11.91 -18.59 25.62
N ALA B 128 -11.30 -19.68 25.15
CA ALA B 128 -10.79 -20.69 26.07
C ALA B 128 -9.60 -20.19 26.88
N ALA B 129 -8.91 -19.15 26.42
CA ALA B 129 -7.82 -18.56 27.19
C ALA B 129 -8.32 -17.64 28.29
N HIS B 130 -9.63 -17.39 28.35
CA HIS B 130 -10.24 -16.54 29.37
C HIS B 130 -9.54 -15.20 29.57
N PRO B 131 -9.39 -14.40 28.51
CA PRO B 131 -8.69 -13.12 28.65
C PRO B 131 -9.51 -12.13 29.43
N ASP B 132 -8.81 -11.20 30.08
CA ASP B 132 -9.46 -9.99 30.59
C ASP B 132 -9.20 -8.77 29.71
N LEU B 133 -8.40 -8.91 28.65
CA LEU B 133 -8.15 -7.86 27.67
C LEU B 133 -7.75 -8.54 26.37
N ILE B 134 -8.32 -8.09 25.26
CA ILE B 134 -7.93 -8.52 23.92
C ILE B 134 -7.43 -7.29 23.16
N LEU B 135 -6.24 -7.40 22.57
CA LEU B 135 -5.70 -6.35 21.71
C LEU B 135 -5.65 -6.88 20.28
N GLY B 136 -6.13 -6.07 19.34
CA GLY B 136 -6.03 -6.44 17.94
C GLY B 136 -5.92 -5.24 17.05
N SER B 137 -6.05 -5.44 15.75
CA SER B 137 -5.80 -4.37 14.78
C SER B 137 -6.92 -4.27 13.76
N GLN B 138 -7.46 -3.06 13.61
CA GLN B 138 -8.46 -2.79 12.57
C GLN B 138 -7.88 -3.04 11.18
N GLY B 139 -6.57 -2.94 11.02
CA GLY B 139 -6.01 -3.26 9.72
C GLY B 139 -5.82 -4.72 9.44
N LEU B 140 -5.87 -5.58 10.45
CA LEU B 140 -5.67 -7.01 10.26
C LEU B 140 -6.97 -7.80 10.26
N THR B 141 -7.88 -7.48 11.17
CA THR B 141 -9.17 -8.16 11.27
C THR B 141 -10.29 -7.13 11.39
N PRO B 142 -10.52 -6.34 10.35
CA PRO B 142 -11.58 -5.32 10.41
C PRO B 142 -12.96 -5.89 10.54
N GLN B 143 -13.14 -7.19 10.33
CA GLN B 143 -14.46 -7.82 10.39
C GLN B 143 -14.76 -8.50 11.72
N LEU B 144 -13.82 -8.49 12.67
CA LEU B 144 -13.91 -9.32 13.89
C LEU B 144 -14.22 -8.57 15.18
N TYR B 145 -14.36 -7.25 15.17
CA TYR B 145 -14.47 -6.53 16.44
C TYR B 145 -15.64 -7.00 17.30
N PRO B 146 -16.88 -7.07 16.79
CA PRO B 146 -18.00 -7.47 17.70
C PRO B 146 -17.80 -8.82 18.33
N GLN B 147 -17.27 -9.78 17.57
CA GLN B 147 -17.09 -11.13 18.11
C GLN B 147 -16.00 -11.17 19.17
N LEU B 148 -14.95 -10.37 19.03
CA LEU B 148 -13.95 -10.30 20.08
C LEU B 148 -14.49 -9.57 21.31
N ALA B 149 -15.21 -8.45 21.10
CA ALA B 149 -15.79 -7.71 22.23
C ALA B 149 -16.75 -8.57 23.03
N ALA B 150 -17.39 -9.55 22.38
CA ALA B 150 -18.27 -10.43 23.12
C ALA B 150 -17.53 -11.36 24.07
N ILE B 151 -16.22 -11.54 23.89
CA ILE B 151 -15.40 -12.38 24.76
C ILE B 151 -14.83 -11.61 25.93
N ALA B 152 -14.28 -10.42 25.68
CA ALA B 152 -13.59 -9.64 26.70
C ALA B 152 -13.42 -8.22 26.19
N PRO B 153 -13.10 -7.26 27.07
CA PRO B 153 -12.81 -5.91 26.60
C PRO B 153 -11.73 -5.95 25.51
N THR B 154 -12.03 -5.35 24.37
CA THR B 154 -11.21 -5.46 23.18
C THR B 154 -10.87 -4.06 22.68
N VAL B 155 -9.59 -3.80 22.44
CA VAL B 155 -9.15 -2.53 21.86
C VAL B 155 -8.45 -2.82 20.55
N PHE B 156 -8.84 -2.12 19.50
CA PHE B 156 -8.16 -2.21 18.20
C PHE B 156 -7.29 -0.97 17.97
N THR B 157 -6.04 -1.20 17.54
CA THR B 157 -5.20 -0.16 17.00
C THR B 157 -5.25 -0.23 15.47
N ALA B 158 -4.52 0.68 14.80
CA ALA B 158 -4.51 0.73 13.36
C ALA B 158 -3.68 -0.41 12.79
N ALA B 159 -3.57 -0.46 11.48
CA ALA B 159 -2.65 -1.42 10.87
C ALA B 159 -1.24 -1.25 11.44
N PRO B 160 -0.50 -2.33 11.64
CA PRO B 160 0.94 -2.19 11.92
C PRO B 160 1.65 -1.51 10.75
N GLY B 161 2.73 -0.79 11.06
CA GLY B 161 3.50 -0.16 10.00
C GLY B 161 4.04 1.21 10.36
N ALA B 162 3.91 2.16 9.42
CA ALA B 162 4.39 3.53 9.63
C ALA B 162 3.76 4.21 10.84
N ASP B 163 2.52 3.85 11.19
N ASP B 163 2.53 3.85 11.20
CA ASP B 163 1.82 4.47 12.31
CA ASP B 163 1.82 4.45 12.34
C ASP B 163 2.15 3.80 13.65
C ASP B 163 2.17 3.80 13.67
N TRP B 164 3.34 3.18 13.77
CA TRP B 164 3.64 2.37 14.95
C TRP B 164 3.63 3.17 16.24
N GLU B 165 4.03 4.45 16.23
CA GLU B 165 4.04 5.22 17.48
C GLU B 165 2.63 5.40 18.00
N ASN B 166 1.68 5.73 17.10
CA ASN B 166 0.28 5.84 17.51
C ASN B 166 -0.30 4.50 17.91
N ASN B 167 0.15 3.40 17.31
CA ASN B 167 -0.30 2.10 17.76
C ASN B 167 0.18 1.83 19.18
N LEU B 168 1.42 2.21 19.47
CA LEU B 168 1.96 2.08 20.81
C LEU B 168 1.17 2.95 21.80
N ARG B 169 0.82 4.19 21.40
CA ARG B 169 -0.05 5.00 22.26
C ARG B 169 -1.39 4.31 22.52
N GLY B 170 -1.95 3.65 21.50
CA GLY B 170 -3.21 2.96 21.70
C GLY B 170 -3.08 1.83 22.71
N VAL B 171 -1.97 1.08 22.64
CA VAL B 171 -1.72 0.04 23.63
C VAL B 171 -1.53 0.65 25.02
N GLY B 172 -0.85 1.80 25.11
CA GLY B 172 -0.70 2.47 26.40
C GLY B 172 -2.03 2.77 27.04
N ALA B 173 -2.96 3.38 26.29
CA ALA B 173 -4.26 3.67 26.91
C ALA B 173 -5.02 2.39 27.24
N ALA B 174 -4.88 1.38 26.37
CA ALA B 174 -5.58 0.11 26.60
C ALA B 174 -5.08 -0.64 27.82
N THR B 175 -3.87 -0.33 28.32
CA THR B 175 -3.28 -1.01 29.48
C THR B 175 -3.08 -0.06 30.65
N ALA B 176 -3.63 1.17 30.57
CA ALA B 176 -3.52 2.17 31.64
C ALA B 176 -2.08 2.61 31.86
N ARG B 177 -1.29 2.64 30.78
CA ARG B 177 0.12 3.04 30.81
C ARG B 177 0.35 4.23 29.88
N ILE B 178 -0.49 5.28 29.99
CA ILE B 178 -0.35 6.44 29.12
C ILE B 178 0.97 7.16 29.38
N ALA B 179 1.24 7.51 30.65
CA ALA B 179 2.47 8.24 30.94
C ALA B 179 3.69 7.41 30.59
N ALA B 180 3.65 6.10 30.88
CA ALA B 180 4.81 5.26 30.56
C ALA B 180 5.08 5.24 29.06
N VAL B 181 4.02 5.16 28.25
CA VAL B 181 4.26 5.18 26.81
C VAL B 181 4.79 6.54 26.37
N ASP B 182 4.25 7.63 26.92
N ASP B 182 4.25 7.62 26.92
CA ASP B 182 4.74 8.95 26.51
CA ASP B 182 4.72 8.94 26.54
C ASP B 182 6.23 9.05 26.77
C ASP B 182 6.22 9.09 26.80
N ALA B 183 6.68 8.54 27.93
CA ALA B 183 8.10 8.60 28.27
C ALA B 183 8.93 7.71 27.34
N LEU B 184 8.41 6.53 26.97
CA LEU B 184 9.11 5.69 26.00
C LEU B 184 9.29 6.41 24.66
N ILE B 185 8.22 7.06 24.18
CA ILE B 185 8.29 7.73 22.89
C ILE B 185 9.25 8.91 22.93
N THR B 186 9.17 9.73 23.98
CA THR B 186 10.11 10.83 24.14
C THR B 186 11.55 10.33 24.19
N GLY B 187 11.79 9.26 24.96
CA GLY B 187 13.14 8.73 25.07
C GLY B 187 13.65 8.19 23.75
N PHE B 188 12.77 7.52 23.00
CA PHE B 188 13.16 7.00 21.68
C PHE B 188 13.49 8.14 20.73
N ALA B 189 12.65 9.18 20.68
CA ALA B 189 12.92 10.27 19.75
C ALA B 189 14.26 10.92 20.03
N GLU B 190 14.57 11.13 21.31
CA GLU B 190 15.86 11.71 21.68
C GLU B 190 17.01 10.80 21.26
N HIS B 191 16.87 9.49 21.50
CA HIS B 191 17.93 8.55 21.13
C HIS B 191 18.13 8.51 19.62
N ALA B 192 17.02 8.40 18.88
CA ALA B 192 17.13 8.35 17.42
C ALA B 192 17.79 9.62 16.88
N THR B 193 17.42 10.78 17.41
CA THR B 193 18.05 12.01 16.95
C THR B 193 19.53 12.07 17.32
N GLN B 194 19.90 11.61 18.51
N GLN B 194 19.89 11.62 18.53
CA GLN B 194 21.30 11.62 18.89
CA GLN B 194 21.30 11.59 18.91
C GLN B 194 22.12 10.68 18.00
C GLN B 194 22.11 10.71 17.96
N VAL B 195 21.59 9.51 17.68
CA VAL B 195 22.28 8.60 16.77
C VAL B 195 22.46 9.24 15.40
N GLY B 196 21.38 9.86 14.88
CA GLY B 196 21.46 10.45 13.55
C GLY B 196 22.42 11.62 13.48
N THR B 197 22.44 12.45 14.52
CA THR B 197 23.37 13.58 14.53
C THR B 197 24.80 13.07 14.61
N LYS B 198 25.05 12.08 15.47
CA LYS B 198 26.41 11.56 15.66
C LYS B 198 26.96 10.96 14.37
N HIS B 199 26.11 10.26 13.62
CA HIS B 199 26.52 9.54 12.43
C HIS B 199 26.19 10.26 11.14
N ASP B 200 25.89 11.57 11.22
CA ASP B 200 25.66 12.39 10.03
C ASP B 200 24.62 11.74 9.09
N ALA B 201 23.55 11.24 9.69
CA ALA B 201 22.63 10.37 8.96
C ALA B 201 22.02 11.06 7.74
N THR B 202 21.81 12.37 7.79
CA THR B 202 21.12 13.02 6.68
C THR B 202 21.95 12.99 5.40
N HIS B 203 23.24 12.69 5.50
CA HIS B 203 24.11 12.68 4.34
C HIS B 203 24.28 11.30 3.71
N PHE B 204 23.51 10.31 4.17
CA PHE B 204 23.54 8.98 3.58
C PHE B 204 22.15 8.58 3.12
N GLN B 205 22.09 7.97 1.94
CA GLN B 205 20.86 7.36 1.44
C GLN B 205 20.91 5.86 1.65
N ALA B 206 19.89 5.34 2.34
CA ALA B 206 19.84 3.92 2.69
C ALA B 206 18.69 3.23 1.97
N SER B 207 18.97 2.05 1.45
CA SER B 207 17.99 1.21 0.77
C SER B 207 17.49 0.14 1.73
N ILE B 208 16.19 -0.15 1.66
CA ILE B 208 15.54 -1.21 2.45
C ILE B 208 15.02 -2.28 1.50
N VAL B 209 15.55 -3.51 1.63
CA VAL B 209 15.20 -4.61 0.73
C VAL B 209 14.81 -5.82 1.56
N GLN B 210 13.80 -6.56 1.12
CA GLN B 210 13.44 -7.81 1.77
C GLN B 210 13.28 -8.87 0.71
N LEU B 211 13.99 -9.98 0.85
CA LEU B 211 13.87 -11.08 -0.10
C LEU B 211 12.82 -12.09 0.37
N THR B 212 11.98 -12.56 -0.56
CA THR B 212 11.24 -13.80 -0.37
C THR B 212 11.98 -14.92 -1.11
N ALA B 213 11.40 -16.13 -1.14
CA ALA B 213 12.06 -17.22 -1.85
C ALA B 213 12.31 -16.86 -3.32
N ASN B 214 11.36 -16.19 -3.97
N ASN B 214 11.34 -16.20 -3.96
CA ASN B 214 11.49 -15.95 -5.40
CA ASN B 214 11.40 -15.98 -5.40
C ASN B 214 11.15 -14.52 -5.80
C ASN B 214 11.17 -14.53 -5.81
N THR B 215 11.22 -13.58 -4.87
CA THR B 215 11.08 -12.18 -5.22
C THR B 215 12.03 -11.32 -4.37
N MSE B 216 12.23 -10.10 -4.85
CA MSE B 216 12.89 -9.03 -4.13
C MSE B 216 11.87 -7.92 -3.91
O MSE B 216 11.24 -7.45 -4.86
CB MSE B 216 14.04 -8.51 -4.98
CG MSE B 216 14.68 -7.23 -4.38
SE MSE B 216 15.95 -6.45 -5.61
CE MSE B 216 17.09 -7.97 -5.84
N ARG B 217 11.68 -7.50 -2.66
CA ARG B 217 10.80 -6.38 -2.33
C ARG B 217 11.67 -5.18 -2.00
N VAL B 218 11.41 -4.05 -2.66
CA VAL B 218 12.14 -2.81 -2.40
C VAL B 218 11.14 -1.87 -1.72
N TYR B 219 11.43 -1.50 -0.47
CA TYR B 219 10.51 -0.69 0.34
C TYR B 219 10.67 0.80 0.05
N GLY B 220 9.56 1.52 0.06
CA GLY B 220 9.57 2.95 -0.12
C GLY B 220 9.54 3.70 1.20
N ALA B 221 8.79 4.81 1.21
CA ALA B 221 8.75 5.73 2.34
C ALA B 221 7.60 5.47 3.30
N ASN B 222 6.68 4.57 3.00
CA ASN B 222 5.44 4.39 3.77
C ASN B 222 5.41 2.97 4.32
N ASN B 223 6.07 2.75 5.48
CA ASN B 223 6.17 1.42 6.06
C ASN B 223 6.95 1.59 7.38
N PHE B 224 7.00 0.51 8.18
CA PHE B 224 7.65 0.59 9.50
C PHE B 224 9.12 0.99 9.44
N PRO B 225 10.01 0.26 8.75
CA PRO B 225 11.41 0.65 8.84
C PRO B 225 11.65 2.04 8.25
N ALA B 226 10.91 2.43 7.20
CA ALA B 226 11.08 3.78 6.67
C ALA B 226 10.82 4.82 7.76
N SER B 227 9.78 4.60 8.58
CA SER B 227 9.48 5.58 9.61
C SER B 227 10.60 5.67 10.66
N VAL B 228 11.26 4.56 10.96
CA VAL B 228 12.37 4.58 11.92
C VAL B 228 13.58 5.29 11.31
N LEU B 229 13.91 4.99 10.05
CA LEU B 229 14.99 5.73 9.40
C LEU B 229 14.71 7.23 9.40
N SER B 230 13.45 7.63 9.17
CA SER B 230 13.11 9.05 9.15
C SER B 230 13.32 9.68 10.53
N ALA B 231 13.01 8.95 11.60
CA ALA B 231 13.24 9.44 12.96
C ALA B 231 14.72 9.69 13.23
N VAL B 232 15.59 8.83 12.69
CA VAL B 232 17.03 9.02 12.85
C VAL B 232 17.53 10.13 11.92
N GLY B 233 16.86 10.33 10.79
CA GLY B 233 17.27 11.27 9.78
C GLY B 233 18.01 10.67 8.62
N VAL B 234 18.08 9.34 8.51
CA VAL B 234 18.74 8.72 7.35
C VAL B 234 17.91 9.03 6.11
N ASP B 235 18.60 9.41 5.03
CA ASP B 235 17.93 9.70 3.76
C ASP B 235 17.69 8.39 2.99
N ARG B 236 16.99 8.48 1.86
CA ARG B 236 16.62 7.33 1.04
C ARG B 236 16.91 7.67 -0.41
N PRO B 237 17.26 6.69 -1.24
CA PRO B 237 17.48 6.98 -2.66
C PRO B 237 16.17 7.41 -3.31
N PRO B 238 16.23 8.16 -4.42
CA PRO B 238 15.00 8.62 -5.09
C PRO B 238 14.03 7.50 -5.44
N SER B 239 14.52 6.29 -5.71
CA SER B 239 13.68 5.14 -6.04
C SER B 239 12.85 4.63 -4.86
N GLN B 240 13.08 5.13 -3.65
CA GLN B 240 12.47 4.58 -2.44
C GLN B 240 11.72 5.65 -1.68
N ARG B 241 11.15 6.62 -2.40
CA ARG B 241 10.38 7.69 -1.80
C ARG B 241 8.88 7.55 -2.04
N PHE B 242 8.47 6.50 -2.73
CA PHE B 242 7.06 6.32 -3.04
C PHE B 242 6.26 5.98 -1.79
N THR B 243 4.98 6.32 -1.82
CA THR B 243 4.11 6.18 -0.66
C THR B 243 2.79 5.46 -0.97
N ASP B 244 2.58 4.98 -2.21
CA ASP B 244 1.30 4.35 -2.56
C ASP B 244 1.15 2.94 -1.97
N LYS B 245 2.26 2.27 -1.68
CA LYS B 245 2.25 0.92 -1.14
C LYS B 245 3.57 0.78 -0.38
N ALA B 246 3.64 -0.26 0.47
CA ALA B 246 4.84 -0.44 1.29
C ALA B 246 6.08 -0.75 0.45
N TYR B 247 5.92 -1.55 -0.61
CA TYR B 247 7.07 -2.02 -1.38
C TYR B 247 6.64 -2.33 -2.82
N ILE B 248 7.65 -2.28 -3.71
CA ILE B 248 7.54 -2.83 -5.06
C ILE B 248 8.22 -4.20 -5.04
N GLU B 249 7.82 -5.10 -5.95
CA GLU B 249 8.27 -6.48 -5.90
C GLU B 249 8.73 -6.93 -7.29
N ILE B 250 9.93 -7.49 -7.34
CA ILE B 250 10.63 -7.88 -8.58
C ILE B 250 10.91 -9.37 -8.49
N GLY B 251 10.67 -10.11 -9.57
CA GLY B 251 10.89 -11.56 -9.53
C GLY B 251 12.38 -11.90 -9.57
N THR B 252 12.73 -12.94 -8.83
CA THR B 252 14.12 -13.38 -8.76
C THR B 252 14.30 -14.88 -9.00
N THR B 253 13.37 -15.55 -9.68
CA THR B 253 13.61 -16.95 -10.01
C THR B 253 14.80 -17.04 -10.98
N ALA B 254 15.32 -18.27 -11.16
CA ALA B 254 16.43 -18.45 -12.09
C ALA B 254 16.07 -17.87 -13.46
N ALA B 255 14.87 -18.18 -13.94
CA ALA B 255 14.46 -17.68 -15.24
C ALA B 255 14.36 -16.16 -15.24
N ASP B 256 13.87 -15.57 -14.14
CA ASP B 256 13.81 -14.11 -14.06
C ASP B 256 15.20 -13.50 -14.15
N LEU B 257 16.16 -14.07 -13.39
CA LEU B 257 17.51 -13.50 -13.35
C LEU B 257 18.18 -13.58 -14.71
N ALA B 258 17.93 -14.65 -15.44
CA ALA B 258 18.55 -14.81 -16.75
C ALA B 258 18.07 -13.80 -17.79
N LYS B 259 16.99 -13.07 -17.51
CA LYS B 259 16.51 -12.01 -18.39
C LYS B 259 17.19 -10.68 -18.10
N SER B 260 18.23 -10.68 -17.28
CA SER B 260 18.98 -9.48 -16.92
C SER B 260 18.11 -8.32 -16.43
N PRO B 261 17.30 -8.53 -15.40
CA PRO B 261 16.56 -7.41 -14.81
C PRO B 261 17.52 -6.37 -14.26
N ASP B 262 17.05 -5.12 -14.23
CA ASP B 262 17.78 -4.02 -13.62
C ASP B 262 17.38 -3.92 -12.15
N PHE B 263 18.33 -4.08 -11.24
CA PHE B 263 18.06 -3.97 -9.81
C PHE B 263 18.40 -2.59 -9.25
N SER B 264 18.59 -1.59 -10.11
CA SER B 264 19.01 -0.26 -9.64
C SER B 264 18.07 0.33 -8.59
N ALA B 265 16.79 -0.03 -8.56
CA ALA B 265 15.90 0.55 -7.55
C ALA B 265 16.35 0.19 -6.13
N ALA B 266 17.08 -0.93 -5.97
CA ALA B 266 17.60 -1.33 -4.66
C ALA B 266 18.92 -0.65 -4.27
N ASP B 267 19.55 0.09 -5.17
CA ASP B 267 20.88 0.65 -4.90
C ASP B 267 20.77 1.90 -4.02
N ALA B 268 21.82 2.18 -3.26
CA ALA B 268 21.90 3.38 -2.41
C ALA B 268 23.34 3.47 -1.90
N ASP B 269 23.57 4.34 -0.92
CA ASP B 269 24.89 4.39 -0.31
C ASP B 269 25.12 3.17 0.58
N ILE B 270 24.05 2.60 1.12
CA ILE B 270 24.09 1.43 1.99
C ILE B 270 22.77 0.70 1.77
N VAL B 271 22.81 -0.63 1.80
CA VAL B 271 21.62 -1.45 1.62
C VAL B 271 21.46 -2.31 2.86
N TYR B 272 20.28 -2.24 3.46
CA TYR B 272 19.88 -3.14 4.54
C TYR B 272 18.88 -4.14 3.96
N LEU B 273 19.24 -5.43 3.99
CA LEU B 273 18.48 -6.47 3.32
C LEU B 273 18.11 -7.55 4.33
N SER B 274 16.83 -7.92 4.37
CA SER B 274 16.41 -9.02 5.24
C SER B 274 15.77 -10.13 4.40
N CYS B 275 15.62 -11.30 5.02
CA CYS B 275 14.99 -12.45 4.40
C CYS B 275 13.68 -12.79 5.09
N ALA B 276 12.60 -12.87 4.31
CA ALA B 276 11.27 -13.01 4.89
C ALA B 276 10.99 -14.41 5.42
N SER B 277 11.82 -15.39 5.06
CA SER B 277 11.57 -16.79 5.41
C SER B 277 12.89 -17.54 5.31
N GLU B 278 12.90 -18.77 5.83
N GLU B 278 12.89 -18.77 5.85
CA GLU B 278 14.07 -19.62 5.69
CA GLU B 278 14.06 -19.64 5.70
C GLU B 278 14.34 -19.92 4.23
C GLU B 278 14.34 -19.93 4.23
N ALA B 279 13.29 -20.14 3.44
CA ALA B 279 13.48 -20.41 2.01
C ALA B 279 14.13 -19.21 1.33
N ALA B 280 13.74 -17.99 1.74
CA ALA B 280 14.40 -16.81 1.19
C ALA B 280 15.87 -16.79 1.56
N ALA B 281 16.18 -17.09 2.81
CA ALA B 281 17.58 -17.09 3.24
C ALA B 281 18.39 -18.16 2.52
N GLU B 282 17.76 -19.30 2.21
CA GLU B 282 18.49 -20.37 1.54
C GLU B 282 18.92 -19.99 0.13
N ARG B 283 18.20 -19.05 -0.49
CA ARG B 283 18.46 -18.61 -1.86
C ARG B 283 19.12 -17.24 -1.94
N ALA B 284 19.28 -16.55 -0.80
CA ALA B 284 19.68 -15.14 -0.86
C ALA B 284 21.04 -14.95 -1.53
N ALA B 285 21.98 -15.88 -1.30
CA ALA B 285 23.33 -15.70 -1.86
C ALA B 285 23.31 -15.76 -3.37
N VAL B 286 22.35 -16.49 -3.95
CA VAL B 286 22.17 -16.53 -5.40
C VAL B 286 21.81 -15.13 -5.92
N ILE B 287 20.84 -14.46 -5.28
CA ILE B 287 20.52 -13.10 -5.69
C ILE B 287 21.74 -12.20 -5.53
N LEU B 288 22.41 -12.29 -4.38
CA LEU B 288 23.50 -11.36 -4.09
C LEU B 288 24.72 -11.59 -4.97
N ASP B 289 24.89 -12.78 -5.53
CA ASP B 289 25.99 -13.06 -6.45
C ASP B 289 25.58 -12.94 -7.92
N SER B 290 24.32 -12.65 -8.21
CA SER B 290 23.85 -12.56 -9.59
C SER B 290 24.45 -11.35 -10.27
N ASP B 291 24.61 -11.43 -11.60
CA ASP B 291 25.09 -10.27 -12.36
C ASP B 291 24.27 -9.00 -12.09
N PRO B 292 22.93 -9.03 -12.06
CA PRO B 292 22.20 -7.78 -11.77
C PRO B 292 22.53 -7.18 -10.43
N TRP B 293 22.72 -8.00 -9.38
CA TRP B 293 23.03 -7.44 -8.07
C TRP B 293 24.48 -6.93 -8.02
N ARG B 294 25.41 -7.66 -8.66
CA ARG B 294 26.81 -7.23 -8.61
C ARG B 294 27.03 -5.90 -9.32
N LYS B 295 26.11 -5.48 -10.21
CA LYS B 295 26.21 -4.17 -10.86
C LYS B 295 25.98 -3.03 -9.89
N LEU B 296 25.37 -3.28 -8.74
CA LEU B 296 24.99 -2.18 -7.87
C LEU B 296 26.21 -1.56 -7.19
N SER B 297 26.19 -0.23 -7.09
N SER B 297 26.21 -0.23 -7.07
CA SER B 297 27.25 0.52 -6.44
CA SER B 297 27.33 0.45 -6.43
C SER B 297 27.44 0.06 -4.99
C SER B 297 27.46 0.03 -4.97
N ALA B 298 26.34 -0.18 -4.28
CA ALA B 298 26.43 -0.57 -2.88
C ALA B 298 27.12 -1.92 -2.76
N ASN B 299 26.89 -2.82 -3.71
CA ASN B 299 27.57 -4.09 -3.62
C ASN B 299 29.05 -3.95 -3.94
N ARG B 300 29.39 -3.15 -4.95
N ARG B 300 29.38 -3.16 -4.96
CA ARG B 300 30.78 -2.96 -5.30
CA ARG B 300 30.78 -2.94 -5.32
C ARG B 300 31.57 -2.33 -4.16
C ARG B 300 31.56 -2.37 -4.15
N ASP B 301 30.92 -1.52 -3.34
CA ASP B 301 31.54 -0.87 -2.20
C ASP B 301 31.42 -1.66 -0.91
N ASN B 302 30.92 -2.90 -0.97
N ASN B 302 30.95 -2.91 -0.97
CA ASN B 302 30.78 -3.74 0.24
CA ASN B 302 30.79 -3.74 0.22
C ASN B 302 29.92 -3.06 1.29
C ASN B 302 29.93 -3.06 1.28
N ARG B 303 28.84 -2.43 0.84
CA ARG B 303 27.93 -1.71 1.70
C ARG B 303 26.55 -2.33 1.70
N VAL B 304 26.49 -3.64 1.52
CA VAL B 304 25.24 -4.40 1.65
C VAL B 304 25.32 -5.22 2.94
N PHE B 305 24.28 -5.10 3.79
CA PHE B 305 24.25 -5.77 5.08
C PHE B 305 22.96 -6.55 5.22
N VAL B 306 23.07 -7.81 5.63
CA VAL B 306 21.89 -8.60 5.96
C VAL B 306 21.47 -8.30 7.38
N VAL B 307 20.17 -8.05 7.57
CA VAL B 307 19.65 -7.65 8.87
C VAL B 307 18.50 -8.59 9.27
N ASN B 308 18.12 -8.50 10.54
CA ASN B 308 17.10 -9.37 11.12
C ASN B 308 15.72 -8.94 10.62
N ASP B 309 14.98 -9.90 10.01
CA ASP B 309 13.68 -9.57 9.41
C ASP B 309 12.62 -9.25 10.47
N GLN B 310 12.72 -9.82 11.67
CA GLN B 310 11.74 -9.51 12.71
C GLN B 310 11.95 -8.09 13.22
N VAL B 311 13.21 -7.70 13.38
CA VAL B 311 13.54 -6.35 13.84
C VAL B 311 13.16 -5.33 12.77
N TRP B 312 13.49 -5.62 11.50
CA TRP B 312 13.30 -4.61 10.47
C TRP B 312 11.90 -4.57 9.90
N GLN B 313 11.22 -5.72 9.81
CA GLN B 313 9.97 -5.78 9.03
C GLN B 313 8.75 -6.25 9.80
N THR B 314 8.84 -7.33 10.58
CA THR B 314 7.60 -7.97 11.01
C THR B 314 7.20 -7.69 12.44
N GLY B 315 8.10 -7.12 13.25
CA GLY B 315 7.76 -6.82 14.64
C GLY B 315 7.00 -5.51 14.79
N GLU B 316 7.62 -4.41 14.35
CA GLU B 316 6.92 -3.14 14.06
C GLU B 316 6.50 -2.36 15.31
N GLY B 317 7.23 -2.54 16.40
CA GLY B 317 7.05 -1.73 17.59
C GLY B 317 8.36 -1.11 18.06
N MSE B 318 8.36 -0.54 19.27
N MSE B 318 8.32 -0.57 19.27
CA MSE B 318 9.55 0.16 19.73
CA MSE B 318 9.44 0.13 19.89
C MSE B 318 10.77 -0.74 19.95
C MSE B 318 10.72 -0.71 20.03
O MSE B 318 11.91 -0.30 19.72
O MSE B 318 11.82 -0.21 19.80
CB MSE B 318 9.26 1.00 20.97
CB MSE B 318 8.96 0.56 21.28
CG MSE B 318 10.51 1.67 21.55
CG MSE B 318 10.00 1.16 22.14
SE MSE B 318 10.12 3.05 22.86
SE MSE B 318 10.72 2.76 21.31
CE MSE B 318 9.02 4.23 21.75
CE MSE B 318 9.20 3.99 21.64
N VAL B 319 10.58 -1.98 20.42
CA VAL B 319 11.74 -2.84 20.59
C VAL B 319 12.40 -3.07 19.23
N ALA B 320 11.58 -3.36 18.21
CA ALA B 320 12.06 -3.47 16.84
C ALA B 320 12.74 -2.18 16.40
N ALA B 321 12.09 -1.03 16.66
CA ALA B 321 12.67 0.25 16.24
C ALA B 321 14.04 0.47 16.87
N ARG B 322 14.18 0.13 18.16
CA ARG B 322 15.50 0.24 18.79
C ARG B 322 16.53 -0.64 18.10
N GLY B 323 16.11 -1.84 17.66
CA GLY B 323 17.02 -2.73 16.93
C GLY B 323 17.46 -2.17 15.60
N ILE B 324 16.53 -1.51 14.89
CA ILE B 324 16.90 -0.81 13.66
C ILE B 324 17.92 0.28 13.96
N VAL B 325 17.65 1.09 14.97
CA VAL B 325 18.57 2.18 15.30
C VAL B 325 19.97 1.64 15.61
N ASP B 326 20.06 0.52 16.35
CA ASP B 326 21.37 -0.09 16.61
C ASP B 326 22.10 -0.39 15.29
N ASP B 327 21.39 -0.94 14.30
CA ASP B 327 22.02 -1.26 13.03
C ASP B 327 22.42 -0.01 12.26
N LEU B 328 21.67 1.08 12.44
CA LEU B 328 21.99 2.33 11.77
C LEU B 328 23.24 3.01 12.31
N ARG B 329 23.77 2.57 13.46
CA ARG B 329 24.89 3.27 14.04
C ARG B 329 26.15 3.12 13.23
N TRP B 330 26.17 2.18 12.28
CA TRP B 330 27.34 1.99 11.44
C TRP B 330 27.16 2.65 10.07
N VAL B 331 26.15 3.53 9.91
CA VAL B 331 25.76 4.02 8.59
C VAL B 331 26.86 4.87 7.95
N ASP B 332 27.63 5.61 8.75
CA ASP B 332 28.70 6.47 8.25
C ASP B 332 30.05 5.77 8.17
N ALA B 333 30.09 4.46 8.35
CA ALA B 333 31.35 3.75 8.33
C ALA B 333 31.99 3.84 6.94
N PRO B 334 33.31 4.03 6.87
CA PRO B 334 33.97 4.15 5.56
C PRO B 334 33.80 2.90 4.72
N ILE B 335 33.89 3.09 3.41
CA ILE B 335 33.93 2.00 2.45
C ILE B 335 35.25 1.25 2.57
C FMT C . -6.45 -6.46 5.39
O1 FMT C . -7.43 -6.22 6.08
O2 FMT C . -6.51 -6.65 4.17
C1 GOL D . -14.33 17.72 -19.09
O1 GOL D . -14.88 16.48 -18.88
C2 GOL D . -14.64 18.46 -17.82
O2 GOL D . -15.26 19.69 -18.08
C3 GOL D . -13.27 18.61 -17.06
O3 GOL D . -12.45 17.49 -17.25
C ACY E . 18.75 -20.47 -8.57
O ACY E . 17.93 -20.84 -7.65
OXT ACY E . 18.65 -19.47 -9.27
CH3 ACY E . 19.90 -21.42 -8.72
C1 GOL F . 17.81 4.34 24.33
O1 GOL F . 17.82 5.44 25.20
C2 GOL F . 16.40 3.74 24.40
O2 GOL F . 16.45 2.38 24.07
C3 GOL F . 15.59 4.58 23.36
O3 GOL F . 14.34 3.97 23.11
C1 GOL G . 24.77 4.53 19.67
O1 GOL G . 24.17 4.85 20.91
C2 GOL G . 25.51 5.81 19.21
O2 GOL G . 26.48 5.54 18.20
C3 GOL G . 26.07 6.41 20.56
O3 GOL G . 26.68 5.35 21.26
#